data_4WPX
#
_entry.id   4WPX
#
_cell.length_a   56.528
_cell.length_b   168.288
_cell.length_c   69.223
_cell.angle_alpha   90.00
_cell.angle_beta   112.21
_cell.angle_gamma   90.00
#
_symmetry.space_group_name_H-M   'P 1 21 1'
#
loop_
_entity.id
_entity.type
_entity.pdbx_description
1 polymer 'Cell division control protein 31-like protein'
2 polymer 'Putative SAC3 family protein'
3 polymer 'Putative uncharacterized protein'
#
loop_
_entity_poly.entity_id
_entity_poly.type
_entity_poly.pdbx_seq_one_letter_code
_entity_poly.pdbx_strand_id
1 'polypeptide(L)'
;MAATRQIQYTIPPREDYNKLSDEQKTRISEAFELFDSNKDGLLSYEEFRFVLRALGFDLPKQQTYDMLVRHGQRPANWPH
DQECPPVYRQFNLATAQALAGTLIRQRDPRDELRRAFRLFDVDGKGMITEDDLRKVCQQVGNNIPDADIQAMIEEFDSNG
KGGVDEDEFLRLMMSKK
;
A,D
2 'polypeptide(L)'
;GHMKPKRDLMADFTKWFVTGDGGIMEEFTEETLRHLLWDVWQRHQREEAERKRKAEEEESWRLAREHLTHRLQVKYFYRW
REKARALAT
;
B,E
3 'polypeptide(L)'
;GSSHHHHHHSQDLMASQHSPTPVKVPAAAANYTPATLDQDLRSQINSLLIKEGHVAKIQEHLLHHLHAHPSNWPTVVQNH
ALSLLRSGEVTSFPALLRRVVEDVRQDTALAPSSTTANGNGESTTTNGATNGKGATTNGNKGGVADLKPSLAVPQSVVEE
ALKVTRECLDQLCEIEEPLAA
;
C,F
#
# COMPACT_ATOMS: atom_id res chain seq x y z
N GLN A 6 -17.20 -3.93 -38.04
CA GLN A 6 -17.63 -3.63 -36.68
C GLN A 6 -17.54 -2.15 -36.36
N ILE A 7 -18.59 -1.62 -35.73
CA ILE A 7 -18.58 -0.27 -35.20
C ILE A 7 -17.44 -0.18 -34.19
N GLN A 8 -16.82 0.99 -34.11
CA GLN A 8 -15.52 1.11 -33.47
C GLN A 8 -15.30 2.53 -32.94
N TYR A 9 -14.55 2.64 -31.84
CA TYR A 9 -14.29 3.90 -31.11
C TYR A 9 -15.47 4.35 -30.24
N THR A 10 -16.56 3.58 -30.23
CA THR A 10 -17.75 3.94 -29.46
C THR A 10 -17.56 3.95 -27.94
N ILE A 11 -18.18 4.91 -27.24
CA ILE A 11 -18.10 4.99 -25.78
C ILE A 11 -19.03 3.91 -25.19
N PRO A 12 -18.60 3.26 -24.09
CA PRO A 12 -19.41 2.21 -23.47
C PRO A 12 -20.55 2.74 -22.60
N PRO A 13 -21.63 1.94 -22.41
CA PRO A 13 -22.77 2.39 -21.61
C PRO A 13 -22.45 2.52 -20.12
N ARG A 14 -23.07 3.48 -19.46
CA ARG A 14 -22.79 3.78 -18.05
C ARG A 14 -23.83 3.23 -17.07
N GLU A 15 -24.91 2.67 -17.61
CA GLU A 15 -26.02 2.17 -16.76
C GLU A 15 -25.54 1.17 -15.71
N ASP A 16 -24.62 0.29 -16.09
CA ASP A 16 -24.11 -0.72 -15.17
C ASP A 16 -23.09 -0.13 -14.19
N TYR A 17 -22.68 1.11 -14.43
CA TYR A 17 -21.73 1.78 -13.55
C TYR A 17 -22.45 2.62 -12.51
N ASN A 18 -23.65 3.08 -12.85
CA ASN A 18 -24.40 4.00 -11.99
C ASN A 18 -24.99 3.31 -10.76
N LYS A 19 -25.34 2.04 -10.92
CA LYS A 19 -26.00 1.30 -9.83
C LYS A 19 -25.01 0.87 -8.75
N LEU A 20 -23.73 1.21 -8.92
CA LEU A 20 -22.70 0.90 -7.94
C LEU A 20 -22.83 1.76 -6.68
N SER A 21 -22.15 1.35 -5.62
CA SER A 21 -22.08 2.14 -4.39
C SER A 21 -20.87 3.07 -4.46
N ASP A 22 -20.78 4.01 -3.52
CA ASP A 22 -19.70 4.97 -3.51
C ASP A 22 -18.33 4.33 -3.30
N GLU A 23 -18.29 3.33 -2.42
CA GLU A 23 -17.06 2.60 -2.12
C GLU A 23 -16.44 2.02 -3.40
N GLN A 24 -17.26 1.30 -4.16
CA GLN A 24 -16.82 0.66 -5.38
C GLN A 24 -16.27 1.69 -6.37
N LYS A 25 -17.07 2.72 -6.63
CA LYS A 25 -16.67 3.80 -7.52
C LYS A 25 -15.36 4.42 -7.07
N THR A 26 -15.22 4.61 -5.76
CA THR A 26 -14.00 5.15 -5.18
C THR A 26 -12.84 4.19 -5.45
N ARG A 27 -13.10 2.89 -5.34
CA ARG A 27 -12.07 1.88 -5.63
C ARG A 27 -11.65 1.89 -7.10
N ILE A 28 -12.61 2.05 -8.01
CA ILE A 28 -12.31 2.15 -9.43
C ILE A 28 -11.43 3.38 -9.69
N SER A 29 -11.91 4.54 -9.25
CA SER A 29 -11.16 5.78 -9.42
C SER A 29 -9.78 5.66 -8.77
N GLU A 30 -9.73 5.00 -7.62
CA GLU A 30 -8.47 4.77 -6.91
C GLU A 30 -7.49 3.97 -7.78
N ALA A 31 -7.93 2.82 -8.27
CA ALA A 31 -7.11 1.99 -9.14
C ALA A 31 -6.61 2.77 -10.35
N PHE A 32 -7.55 3.44 -11.02
CA PHE A 32 -7.22 4.28 -12.16
C PHE A 32 -6.13 5.28 -11.80
N GLU A 33 -6.38 6.10 -10.78
CA GLU A 33 -5.42 7.11 -10.35
C GLU A 33 -4.07 6.48 -9.99
N LEU A 34 -4.11 5.27 -9.44
CA LEU A 34 -2.87 4.55 -9.12
C LEU A 34 -2.09 4.28 -10.40
N PHE A 35 -2.71 3.59 -11.35
CA PHE A 35 -2.01 3.21 -12.57
C PHE A 35 -1.94 4.33 -13.61
N ASP A 36 -2.46 5.50 -13.27
CA ASP A 36 -2.36 6.69 -14.13
C ASP A 36 -1.12 7.50 -13.77
N SER A 37 0.06 6.95 -14.04
CA SER A 37 1.32 7.62 -13.69
C SER A 37 1.55 8.85 -14.57
N ASN A 38 1.13 8.76 -15.83
CA ASN A 38 1.28 9.86 -16.79
C ASN A 38 0.40 11.08 -16.46
N LYS A 39 -0.59 10.87 -15.59
CA LYS A 39 -1.45 11.95 -15.09
C LYS A 39 -2.30 12.64 -16.17
N ASP A 40 -2.25 12.12 -17.39
CA ASP A 40 -2.98 12.75 -18.49
C ASP A 40 -4.47 12.40 -18.48
N GLY A 41 -4.87 11.59 -17.50
CA GLY A 41 -6.24 11.12 -17.43
C GLY A 41 -6.47 10.00 -18.44
N LEU A 42 -5.38 9.43 -18.95
CA LEU A 42 -5.44 8.38 -19.97
C LEU A 42 -4.53 7.21 -19.58
N LEU A 43 -4.94 6.01 -19.98
CA LEU A 43 -4.19 4.79 -19.73
C LEU A 43 -3.79 4.12 -21.03
N SER A 44 -2.65 3.44 -21.03
CA SER A 44 -2.28 2.58 -22.14
C SER A 44 -3.10 1.30 -22.03
N TYR A 45 -2.96 0.41 -23.01
CA TYR A 45 -3.69 -0.85 -23.01
C TYR A 45 -3.32 -1.72 -21.81
N GLU A 46 -2.02 -1.89 -21.59
CA GLU A 46 -1.54 -2.73 -20.52
C GLU A 46 -1.84 -2.12 -19.15
N GLU A 47 -1.75 -0.80 -19.05
CA GLU A 47 -2.13 -0.10 -17.83
C GLU A 47 -3.59 -0.39 -17.49
N PHE A 48 -4.44 -0.38 -18.51
CA PHE A 48 -5.86 -0.68 -18.34
C PHE A 48 -6.05 -2.13 -17.91
N ARG A 49 -5.33 -3.05 -18.56
CA ARG A 49 -5.33 -4.44 -18.14
C ARG A 49 -4.95 -4.56 -16.66
N PHE A 50 -3.91 -3.85 -16.26
CA PHE A 50 -3.49 -3.83 -14.86
C PHE A 50 -4.58 -3.23 -13.96
N VAL A 51 -5.20 -2.14 -14.40
CA VAL A 51 -6.28 -1.53 -13.64
C VAL A 51 -7.39 -2.54 -13.39
N LEU A 52 -7.72 -3.32 -14.41
CA LEU A 52 -8.70 -4.39 -14.23
C LEU A 52 -8.15 -5.49 -13.33
N ARG A 53 -6.86 -5.80 -13.47
CA ARG A 53 -6.23 -6.80 -12.62
C ARG A 53 -6.16 -6.32 -11.17
N ALA A 54 -6.19 -5.00 -10.98
CA ALA A 54 -6.20 -4.42 -9.64
C ALA A 54 -7.56 -4.58 -8.98
N LEU A 55 -8.61 -4.55 -9.78
CA LEU A 55 -9.96 -4.80 -9.29
C LEU A 55 -10.21 -6.29 -9.09
N GLY A 56 -9.24 -7.10 -9.49
CA GLY A 56 -9.30 -8.55 -9.31
C GLY A 56 -9.76 -9.30 -10.55
N PHE A 57 -9.83 -8.60 -11.69
CA PHE A 57 -10.21 -9.23 -12.95
C PHE A 57 -8.98 -9.65 -13.76
N ASP A 58 -8.81 -10.95 -13.97
CA ASP A 58 -7.76 -11.47 -14.84
C ASP A 58 -8.39 -12.00 -16.13
N LEU A 59 -8.87 -11.09 -16.95
CA LEU A 59 -9.54 -11.45 -18.20
C LEU A 59 -8.52 -11.88 -19.24
N PRO A 60 -8.95 -12.71 -20.21
CA PRO A 60 -8.05 -13.08 -21.32
C PRO A 60 -7.86 -11.94 -22.32
N LYS A 61 -6.77 -11.99 -23.08
CA LYS A 61 -6.43 -10.94 -24.04
C LYS A 61 -7.57 -10.64 -25.00
N GLN A 62 -8.31 -11.68 -25.37
CA GLN A 62 -9.39 -11.57 -26.35
C GLN A 62 -10.45 -10.56 -25.91
N GLN A 63 -10.83 -10.65 -24.64
CA GLN A 63 -11.92 -9.84 -24.10
C GLN A 63 -11.49 -8.38 -23.97
N THR A 64 -10.30 -8.16 -23.44
CA THR A 64 -9.75 -6.82 -23.30
C THR A 64 -9.48 -6.21 -24.67
N TYR A 65 -9.08 -7.04 -25.63
CA TYR A 65 -8.88 -6.57 -27.00
C TYR A 65 -10.21 -6.15 -27.62
N ASP A 66 -11.25 -6.95 -27.41
CA ASP A 66 -12.60 -6.57 -27.84
C ASP A 66 -12.96 -5.21 -27.23
N MET A 67 -12.76 -5.08 -25.92
CA MET A 67 -12.96 -3.79 -25.26
C MET A 67 -12.13 -2.71 -25.93
N LEU A 68 -10.88 -3.06 -26.27
CA LEU A 68 -9.96 -2.10 -26.87
C LEU A 68 -10.46 -1.58 -28.21
N VAL A 69 -10.85 -2.48 -29.11
CA VAL A 69 -11.32 -2.05 -30.43
C VAL A 69 -12.66 -1.32 -30.30
N ARG A 70 -13.57 -1.85 -29.49
CA ARG A 70 -14.89 -1.23 -29.37
C ARG A 70 -14.85 0.14 -28.71
N HIS A 71 -14.10 0.27 -27.63
CA HIS A 71 -14.15 1.47 -26.79
C HIS A 71 -12.79 2.17 -26.61
N GLY A 72 -11.86 1.94 -27.52
CA GLY A 72 -10.55 2.56 -27.45
C GLY A 72 -10.48 3.84 -28.25
N GLN A 73 -9.95 4.90 -27.64
CA GLN A 73 -9.81 6.19 -28.31
C GLN A 73 -8.36 6.41 -28.72
N ARG A 74 -8.17 6.99 -29.89
CA ARG A 74 -6.84 7.31 -30.40
C ARG A 74 -6.16 8.38 -29.55
N PRO A 75 -4.82 8.34 -29.48
CA PRO A 75 -4.10 9.41 -28.76
C PRO A 75 -4.07 10.70 -29.57
N ALA A 76 -3.79 11.82 -28.89
CA ALA A 76 -3.82 13.13 -29.53
C ALA A 76 -2.71 13.28 -30.57
N ASN A 77 -1.55 12.74 -30.25
CA ASN A 77 -0.38 12.85 -31.12
C ASN A 77 -0.57 12.17 -32.47
N TRP A 78 -1.58 11.30 -32.57
CA TRP A 78 -1.80 10.55 -33.80
C TRP A 78 -2.40 11.44 -34.89
N PRO A 79 -1.79 11.45 -36.09
CA PRO A 79 -2.38 12.20 -37.21
C PRO A 79 -3.69 11.57 -37.69
N HIS A 80 -4.75 12.36 -37.75
CA HIS A 80 -6.07 11.85 -38.10
C HIS A 80 -6.19 11.39 -39.55
N ASP A 81 -5.20 11.73 -40.38
CA ASP A 81 -5.24 11.37 -41.79
C ASP A 81 -4.87 9.90 -41.98
N GLN A 82 -4.29 9.31 -40.93
CA GLN A 82 -3.84 7.91 -40.97
C GLN A 82 -4.70 7.04 -40.06
N GLU A 83 -4.78 5.75 -40.40
CA GLU A 83 -5.51 4.78 -39.60
C GLU A 83 -4.73 4.44 -38.34
N CYS A 84 -5.43 4.25 -37.23
CA CYS A 84 -4.78 3.90 -35.97
C CYS A 84 -5.05 2.45 -35.58
N PRO A 85 -4.01 1.69 -35.21
CA PRO A 85 -4.20 0.31 -34.76
C PRO A 85 -4.82 0.26 -33.36
N PRO A 86 -5.55 -0.82 -33.05
CA PRO A 86 -6.17 -0.93 -31.72
C PRO A 86 -5.19 -0.76 -30.55
N VAL A 87 -4.00 -1.34 -30.68
CA VAL A 87 -3.04 -1.38 -29.58
C VAL A 87 -2.54 0.00 -29.14
N TYR A 88 -2.48 0.94 -30.09
CA TYR A 88 -1.97 2.27 -29.80
C TYR A 88 -3.02 3.19 -29.20
N ARG A 89 -4.26 2.69 -29.09
CA ARG A 89 -5.35 3.47 -28.52
C ARG A 89 -5.30 3.47 -26.98
N GLN A 90 -5.98 4.44 -26.39
CA GLN A 90 -5.94 4.66 -24.95
C GLN A 90 -7.35 4.71 -24.35
N PHE A 91 -7.43 4.78 -23.02
CA PHE A 91 -8.69 4.80 -22.31
C PHE A 91 -8.84 6.03 -21.42
N ASN A 92 -9.89 6.81 -21.64
CA ASN A 92 -10.24 7.90 -20.73
C ASN A 92 -10.89 7.34 -19.47
N LEU A 93 -11.17 8.21 -18.51
CA LEU A 93 -11.75 7.77 -17.25
C LEU A 93 -13.13 7.15 -17.45
N ALA A 94 -13.92 7.75 -18.35
CA ALA A 94 -15.29 7.29 -18.61
C ALA A 94 -15.33 5.83 -19.06
N THR A 95 -14.49 5.49 -20.04
CA THR A 95 -14.45 4.13 -20.56
C THR A 95 -14.04 3.13 -19.48
N ALA A 96 -12.98 3.45 -18.76
CA ALA A 96 -12.51 2.60 -17.67
C ALA A 96 -13.60 2.38 -16.64
N GLN A 97 -14.25 3.47 -16.24
CA GLN A 97 -15.34 3.40 -15.28
C GLN A 97 -16.48 2.51 -15.77
N ALA A 98 -16.99 2.81 -16.96
CA ALA A 98 -18.10 2.04 -17.53
C ALA A 98 -17.75 0.56 -17.63
N LEU A 99 -16.62 0.27 -18.25
CA LEU A 99 -16.18 -1.10 -18.46
C LEU A 99 -15.99 -1.84 -17.14
N ALA A 100 -15.27 -1.23 -16.20
CA ALA A 100 -15.07 -1.81 -14.88
C ALA A 100 -16.41 -2.06 -14.20
N GLY A 101 -17.32 -1.11 -14.32
CA GLY A 101 -18.66 -1.22 -13.75
C GLY A 101 -19.38 -2.44 -14.30
N THR A 102 -19.46 -2.54 -15.62
CA THR A 102 -20.06 -3.69 -16.27
C THR A 102 -19.42 -4.98 -15.77
N LEU A 103 -18.09 -5.01 -15.79
CA LEU A 103 -17.34 -6.18 -15.32
C LEU A 103 -17.75 -6.56 -13.90
N ILE A 104 -17.86 -5.55 -13.03
CA ILE A 104 -18.21 -5.79 -11.63
C ILE A 104 -19.63 -6.32 -11.48
N ARG A 105 -20.59 -5.67 -12.14
CA ARG A 105 -21.97 -6.09 -11.98
C ARG A 105 -22.20 -7.46 -12.64
N GLN A 106 -21.40 -7.75 -13.66
CA GLN A 106 -21.45 -9.06 -14.32
C GLN A 106 -20.69 -10.13 -13.53
N ARG A 107 -19.83 -9.71 -12.60
CA ARG A 107 -19.00 -10.63 -11.83
C ARG A 107 -19.83 -11.56 -10.97
N ASP A 108 -19.41 -12.82 -10.91
CA ASP A 108 -20.07 -13.79 -10.06
C ASP A 108 -19.62 -13.55 -8.63
N PRO A 109 -20.56 -13.57 -7.66
CA PRO A 109 -20.17 -13.20 -6.29
C PRO A 109 -19.22 -14.20 -5.63
N ARG A 110 -19.13 -15.39 -6.20
CA ARG A 110 -18.33 -16.46 -5.64
C ARG A 110 -16.83 -16.28 -5.88
N ASP A 111 -16.49 -15.59 -6.97
CA ASP A 111 -15.11 -15.44 -7.39
C ASP A 111 -14.23 -14.80 -6.31
N GLU A 112 -14.67 -13.63 -5.83
CA GLU A 112 -13.92 -12.89 -4.82
C GLU A 112 -13.71 -13.74 -3.57
N LEU A 113 -14.69 -14.57 -3.26
CA LEU A 113 -14.61 -15.45 -2.10
C LEU A 113 -13.60 -16.57 -2.29
N ARG A 114 -13.58 -17.17 -3.48
CA ARG A 114 -12.59 -18.19 -3.81
C ARG A 114 -11.17 -17.59 -3.76
N ARG A 115 -11.03 -16.43 -4.38
CA ARG A 115 -9.78 -15.68 -4.35
C ARG A 115 -9.35 -15.46 -2.89
N ALA A 116 -10.28 -14.94 -2.09
CA ALA A 116 -10.04 -14.74 -0.67
C ALA A 116 -9.61 -16.03 0.02
N PHE A 117 -10.32 -17.12 -0.27
CA PHE A 117 -9.99 -18.42 0.31
C PHE A 117 -8.54 -18.76 -0.01
N ARG A 118 -8.13 -18.50 -1.25
CA ARG A 118 -6.73 -18.70 -1.62
C ARG A 118 -5.82 -17.74 -0.85
N LEU A 119 -6.27 -16.53 -0.59
CA LEU A 119 -5.48 -15.60 0.24
C LEU A 119 -5.31 -16.10 1.68
N PHE A 120 -6.38 -16.60 2.28
CA PHE A 120 -6.30 -17.15 3.64
C PHE A 120 -5.44 -18.41 3.69
N ASP A 121 -5.74 -19.34 2.79
CA ASP A 121 -4.98 -20.58 2.68
C ASP A 121 -3.90 -20.44 1.62
N VAL A 122 -2.74 -19.93 2.02
CA VAL A 122 -1.65 -19.65 1.10
C VAL A 122 -0.84 -20.92 0.79
N ASP A 123 -0.80 -21.83 1.76
CA ASP A 123 -0.03 -23.07 1.62
C ASP A 123 -0.70 -24.04 0.65
N GLY A 124 -1.94 -23.76 0.26
CA GLY A 124 -2.66 -24.59 -0.68
C GLY A 124 -3.06 -25.94 -0.09
N LYS A 125 -3.23 -25.99 1.23
CA LYS A 125 -3.61 -27.23 1.91
C LYS A 125 -5.00 -27.69 1.49
N GLY A 126 -5.82 -26.72 1.08
CA GLY A 126 -7.19 -27.01 0.69
C GLY A 126 -8.18 -26.58 1.77
N MET A 127 -7.64 -26.15 2.92
CA MET A 127 -8.48 -25.70 4.01
C MET A 127 -7.77 -24.63 4.86
N ILE A 128 -8.58 -23.84 5.55
CA ILE A 128 -8.07 -22.78 6.43
C ILE A 128 -8.07 -23.26 7.88
N THR A 129 -6.90 -23.21 8.52
CA THR A 129 -6.76 -23.65 9.89
C THR A 129 -6.59 -22.47 10.83
N GLU A 130 -6.50 -22.74 12.12
CA GLU A 130 -6.33 -21.69 13.12
C GLU A 130 -5.05 -20.91 12.88
N ASP A 131 -3.97 -21.63 12.57
CA ASP A 131 -2.68 -21.00 12.31
C ASP A 131 -2.78 -19.97 11.19
N ASP A 132 -3.45 -20.36 10.10
CA ASP A 132 -3.65 -19.45 8.97
C ASP A 132 -4.39 -18.20 9.42
N LEU A 133 -5.49 -18.40 10.15
CA LEU A 133 -6.26 -17.29 10.68
C LEU A 133 -5.39 -16.41 11.58
N ARG A 134 -4.49 -17.04 12.35
CA ARG A 134 -3.60 -16.28 13.21
C ARG A 134 -2.64 -15.43 12.37
N LYS A 135 -2.06 -16.03 11.32
CA LYS A 135 -1.20 -15.28 10.42
C LYS A 135 -1.96 -14.10 9.81
N VAL A 136 -3.16 -14.36 9.32
CA VAL A 136 -4.00 -13.29 8.78
C VAL A 136 -4.28 -12.22 9.85
N CYS A 137 -4.55 -12.65 11.08
CA CYS A 137 -4.75 -11.72 12.18
C CYS A 137 -3.52 -10.84 12.37
N GLN A 138 -2.34 -11.45 12.29
CA GLN A 138 -1.08 -10.70 12.38
C GLN A 138 -0.99 -9.73 11.21
N GLN A 139 -1.43 -10.15 10.03
CA GLN A 139 -1.46 -9.24 8.87
C GLN A 139 -2.41 -8.06 9.06
N VAL A 140 -3.62 -8.31 9.55
CA VAL A 140 -4.60 -7.24 9.75
C VAL A 140 -4.10 -6.24 10.79
N GLY A 141 -3.45 -6.75 11.83
CA GLY A 141 -2.89 -5.92 12.89
C GLY A 141 -3.63 -6.04 14.20
N ASN A 142 -4.93 -6.30 14.11
CA ASN A 142 -5.76 -6.46 15.30
C ASN A 142 -5.54 -7.82 15.93
N ASN A 143 -5.49 -7.86 17.26
CA ASN A 143 -5.33 -9.11 17.99
C ASN A 143 -6.67 -9.62 18.49
N ILE A 144 -7.02 -10.85 18.10
CA ILE A 144 -8.27 -11.47 18.46
C ILE A 144 -7.98 -12.64 19.40
N PRO A 145 -8.82 -12.82 20.44
CA PRO A 145 -8.57 -13.97 21.34
C PRO A 145 -8.67 -15.30 20.61
N ASP A 146 -7.83 -16.26 21.01
CA ASP A 146 -7.76 -17.55 20.33
C ASP A 146 -9.08 -18.32 20.43
N ALA A 147 -9.92 -17.93 21.39
CA ALA A 147 -11.23 -18.55 21.54
C ALA A 147 -12.10 -18.21 20.32
N ASP A 148 -12.03 -16.97 19.88
CA ASP A 148 -12.81 -16.52 18.74
C ASP A 148 -12.40 -17.25 17.46
N ILE A 149 -11.11 -17.23 17.14
CA ILE A 149 -10.63 -17.90 15.94
C ILE A 149 -10.86 -19.41 16.05
N GLN A 150 -10.66 -19.96 17.24
CA GLN A 150 -10.98 -21.36 17.49
C GLN A 150 -12.45 -21.62 17.20
N ALA A 151 -13.31 -20.67 17.59
CA ALA A 151 -14.72 -20.76 17.27
C ALA A 151 -14.97 -20.49 15.78
N MET A 152 -14.12 -19.69 15.16
CA MET A 152 -14.27 -19.39 13.74
C MET A 152 -14.03 -20.66 12.93
N ILE A 153 -13.07 -21.47 13.35
CA ILE A 153 -12.84 -22.76 12.71
C ILE A 153 -13.86 -23.81 13.16
N GLU A 154 -13.95 -24.05 14.46
CA GLU A 154 -14.75 -25.16 15.00
C GLU A 154 -16.23 -25.09 14.62
N GLU A 155 -16.79 -23.89 14.59
CA GLU A 155 -18.21 -23.72 14.30
C GLU A 155 -18.59 -24.16 12.89
N PHE A 156 -17.64 -24.09 11.96
CA PHE A 156 -17.91 -24.35 10.54
C PHE A 156 -17.20 -25.59 10.00
N ASP A 157 -16.39 -26.23 10.84
CA ASP A 157 -15.76 -27.49 10.48
C ASP A 157 -16.74 -28.65 10.71
N SER A 158 -17.23 -29.23 9.62
CA SER A 158 -18.23 -30.29 9.69
C SER A 158 -17.63 -31.69 9.62
N ASN A 159 -16.31 -31.76 9.45
CA ASN A 159 -15.60 -33.03 9.33
C ASN A 159 -14.75 -33.35 10.55
N GLY A 160 -14.47 -32.32 11.35
CA GLY A 160 -13.54 -32.48 12.47
C GLY A 160 -12.15 -32.69 11.92
N LYS A 161 -11.85 -31.98 10.83
CA LYS A 161 -10.58 -32.12 10.14
C LYS A 161 -9.55 -31.12 10.65
N GLY A 162 -10.02 -30.08 11.34
CA GLY A 162 -9.15 -29.08 11.92
C GLY A 162 -9.04 -27.83 11.04
N GLY A 163 -10.01 -27.64 10.15
CA GLY A 163 -10.01 -26.47 9.28
C GLY A 163 -11.28 -26.37 8.48
N VAL A 164 -11.37 -25.34 7.65
CA VAL A 164 -12.53 -25.10 6.80
C VAL A 164 -12.14 -25.14 5.33
N ASP A 165 -12.78 -26.03 4.58
CA ASP A 165 -12.50 -26.17 3.14
C ASP A 165 -13.21 -25.08 2.34
N GLU A 166 -12.99 -25.06 1.04
CA GLU A 166 -13.52 -24.01 0.17
C GLU A 166 -15.03 -23.95 0.20
N ASP A 167 -15.68 -25.11 0.03
CA ASP A 167 -17.14 -25.19 0.05
C ASP A 167 -17.74 -24.54 1.29
N GLU A 168 -17.27 -24.96 2.46
CA GLU A 168 -17.74 -24.44 3.74
C GLU A 168 -17.48 -22.94 3.87
N PHE A 169 -16.32 -22.52 3.40
CA PHE A 169 -15.96 -21.10 3.41
C PHE A 169 -16.94 -20.28 2.58
N LEU A 170 -17.18 -20.73 1.35
CA LEU A 170 -18.10 -20.05 0.46
C LEU A 170 -19.50 -20.03 1.05
N ARG A 171 -19.98 -21.20 1.48
CA ARG A 171 -21.31 -21.32 2.07
C ARG A 171 -21.47 -20.43 3.29
N LEU A 172 -20.48 -20.41 4.17
CA LEU A 172 -20.58 -19.60 5.37
C LEU A 172 -20.50 -18.13 5.00
N MET A 173 -19.68 -17.81 4.00
CA MET A 173 -19.49 -16.42 3.59
C MET A 173 -20.65 -15.87 2.75
N MET A 174 -21.42 -16.75 2.10
CA MET A 174 -22.61 -16.30 1.38
C MET A 174 -23.88 -16.34 2.24
N SER A 175 -23.84 -17.12 3.32
CA SER A 175 -24.99 -17.26 4.21
C SER A 175 -25.39 -15.92 4.82
N LYS A 176 -26.70 -15.72 4.98
CA LYS A 176 -27.21 -14.50 5.59
C LYS A 176 -26.99 -14.51 7.10
N LEU B 9 4.16 -28.83 -74.77
CA LEU B 9 5.38 -28.78 -73.97
C LEU B 9 5.12 -29.16 -72.52
N MET B 10 5.98 -30.00 -71.96
CA MET B 10 5.86 -30.43 -70.57
C MET B 10 5.97 -29.24 -69.62
N ALA B 11 6.89 -28.32 -69.93
CA ALA B 11 7.12 -27.12 -69.11
C ALA B 11 5.83 -26.34 -68.80
N ASP B 12 4.99 -26.17 -69.81
CA ASP B 12 3.71 -25.48 -69.62
C ASP B 12 2.80 -26.28 -68.68
N PHE B 13 2.76 -27.59 -68.91
CA PHE B 13 1.93 -28.47 -68.09
C PHE B 13 2.38 -28.45 -66.63
N THR B 14 3.69 -28.56 -66.40
CA THR B 14 4.20 -28.48 -65.04
C THR B 14 3.90 -27.10 -64.46
N LYS B 15 4.06 -26.04 -65.26
CA LYS B 15 3.72 -24.69 -64.80
C LYS B 15 2.28 -24.64 -64.26
N TRP B 16 1.33 -25.06 -65.09
CA TRP B 16 -0.05 -25.16 -64.63
C TRP B 16 -0.16 -26.04 -63.40
N PHE B 17 0.54 -27.16 -63.44
CA PHE B 17 0.45 -28.14 -62.36
C PHE B 17 0.98 -27.59 -61.03
N VAL B 18 2.05 -26.80 -61.07
CA VAL B 18 2.67 -26.34 -59.84
C VAL B 18 2.04 -25.05 -59.30
N THR B 19 1.77 -24.08 -60.16
CA THR B 19 1.26 -22.79 -59.66
C THR B 19 -0.24 -22.62 -59.94
N GLY B 20 -0.92 -23.68 -60.33
CA GLY B 20 -2.35 -23.64 -60.54
C GLY B 20 -3.08 -23.68 -59.22
N ASP B 21 -4.40 -23.47 -59.25
CA ASP B 21 -5.20 -23.54 -58.03
C ASP B 21 -5.23 -24.98 -57.55
N GLY B 22 -4.92 -25.18 -56.28
CA GLY B 22 -4.70 -26.51 -55.75
C GLY B 22 -3.36 -27.03 -56.21
N GLY B 23 -2.50 -26.11 -56.64
CA GLY B 23 -1.17 -26.46 -57.11
C GLY B 23 -0.26 -26.93 -55.99
N ILE B 24 0.95 -27.36 -56.38
CA ILE B 24 1.93 -27.85 -55.42
C ILE B 24 2.45 -26.71 -54.55
N MET B 25 2.54 -25.53 -55.14
CA MET B 25 3.05 -24.35 -54.44
C MET B 25 2.12 -23.98 -53.29
N GLU B 26 0.81 -24.14 -53.52
CA GLU B 26 -0.19 -23.86 -52.50
C GLU B 26 -0.11 -24.84 -51.34
N GLU B 27 -0.17 -26.13 -51.64
CA GLU B 27 -0.07 -27.15 -50.61
C GLU B 27 1.22 -26.97 -49.82
N PHE B 28 2.32 -26.75 -50.55
CA PHE B 28 3.61 -26.53 -49.92
C PHE B 28 3.59 -25.33 -48.98
N THR B 29 3.24 -24.16 -49.50
CA THR B 29 3.26 -22.94 -48.70
C THR B 29 2.33 -23.08 -47.49
N GLU B 30 1.16 -23.69 -47.69
CA GLU B 30 0.24 -23.96 -46.59
C GLU B 30 0.93 -24.79 -45.50
N GLU B 31 1.50 -25.93 -45.90
CA GLU B 31 2.17 -26.83 -44.97
C GLU B 31 3.30 -26.13 -44.19
N THR B 32 4.21 -25.50 -44.93
CA THR B 32 5.35 -24.86 -44.31
C THR B 32 4.89 -23.74 -43.37
N LEU B 33 3.85 -23.00 -43.79
CA LEU B 33 3.27 -21.99 -42.92
C LEU B 33 2.70 -22.61 -41.65
N ARG B 34 2.00 -23.72 -41.79
CA ARG B 34 1.47 -24.43 -40.63
C ARG B 34 2.57 -24.70 -39.60
N HIS B 35 3.62 -25.40 -40.03
CA HIS B 35 4.67 -25.77 -39.08
C HIS B 35 5.44 -24.54 -38.55
N LEU B 36 5.82 -23.64 -39.45
CA LEU B 36 6.53 -22.42 -39.08
C LEU B 36 5.75 -21.61 -38.06
N LEU B 37 4.46 -21.43 -38.34
CA LEU B 37 3.59 -20.66 -37.48
C LEU B 37 3.44 -21.35 -36.12
N TRP B 38 3.36 -22.68 -36.10
CA TRP B 38 3.37 -23.39 -34.83
C TRP B 38 4.63 -23.10 -34.01
N ASP B 39 5.79 -23.19 -34.65
CA ASP B 39 7.05 -22.84 -33.98
C ASP B 39 6.99 -21.44 -33.38
N VAL B 40 6.73 -20.44 -34.20
CA VAL B 40 6.71 -19.05 -33.71
C VAL B 40 5.60 -18.84 -32.68
N TRP B 41 4.52 -19.61 -32.81
CA TRP B 41 3.42 -19.58 -31.86
C TRP B 41 3.91 -19.98 -30.46
N GLN B 42 4.53 -21.15 -30.37
CA GLN B 42 5.11 -21.59 -29.10
C GLN B 42 6.11 -20.55 -28.58
N ARG B 43 6.96 -20.05 -29.47
CA ARG B 43 7.91 -18.99 -29.10
C ARG B 43 7.18 -17.82 -28.43
N HIS B 44 6.13 -17.33 -29.08
CA HIS B 44 5.35 -16.24 -28.52
C HIS B 44 4.80 -16.60 -27.15
N GLN B 45 4.26 -17.80 -27.00
CA GLN B 45 3.79 -18.26 -25.69
C GLN B 45 4.87 -18.12 -24.61
N ARG B 46 6.05 -18.68 -24.86
CA ARG B 46 7.15 -18.56 -23.90
C ARG B 46 7.44 -17.09 -23.59
N GLU B 47 7.56 -16.29 -24.65
CA GLU B 47 7.80 -14.87 -24.52
C GLU B 47 6.74 -14.19 -23.65
N GLU B 48 5.48 -14.58 -23.83
CA GLU B 48 4.40 -14.01 -23.03
C GLU B 48 4.54 -14.40 -21.57
N ALA B 49 4.89 -15.66 -21.32
CA ALA B 49 5.17 -16.09 -19.95
C ALA B 49 6.20 -15.17 -19.30
N GLU B 50 7.35 -15.01 -19.97
CA GLU B 50 8.40 -14.17 -19.43
C GLU B 50 7.96 -12.70 -19.29
N ARG B 51 7.27 -12.19 -20.30
CA ARG B 51 6.83 -10.79 -20.29
C ARG B 51 5.87 -10.54 -19.13
N LYS B 52 4.96 -11.49 -18.90
CA LYS B 52 4.02 -11.35 -17.80
C LYS B 52 4.77 -11.40 -16.48
N ARG B 53 5.65 -12.40 -16.33
CA ARG B 53 6.47 -12.50 -15.13
C ARG B 53 7.20 -11.21 -14.81
N LYS B 54 7.90 -10.64 -15.80
CA LYS B 54 8.62 -9.39 -15.57
C LYS B 54 7.66 -8.23 -15.35
N ALA B 55 6.52 -8.23 -16.04
CA ALA B 55 5.52 -7.19 -15.88
C ALA B 55 4.95 -7.20 -14.47
N GLU B 56 4.83 -8.39 -13.89
CA GLU B 56 4.31 -8.55 -12.53
C GLU B 56 5.23 -7.93 -11.50
N GLU B 57 6.54 -7.92 -11.78
CA GLU B 57 7.53 -7.41 -10.84
C GLU B 57 7.48 -5.89 -10.68
N GLU B 58 6.66 -5.22 -11.48
CA GLU B 58 6.51 -3.77 -11.38
C GLU B 58 5.94 -3.38 -10.01
N GLU B 59 6.33 -2.22 -9.53
CA GLU B 59 6.01 -1.81 -8.16
C GLU B 59 4.56 -1.35 -8.02
N SER B 60 4.10 -0.55 -8.96
CA SER B 60 2.71 -0.10 -8.99
C SER B 60 1.77 -1.29 -8.82
N TRP B 61 2.05 -2.35 -9.58
CA TRP B 61 1.26 -3.56 -9.51
C TRP B 61 1.37 -4.20 -8.14
N ARG B 62 2.58 -4.28 -7.59
CA ARG B 62 2.77 -4.90 -6.29
C ARG B 62 1.92 -4.18 -5.26
N LEU B 63 1.87 -2.85 -5.39
CA LEU B 63 1.06 -2.04 -4.49
C LEU B 63 -0.42 -2.33 -4.67
N ALA B 64 -0.92 -2.29 -5.90
CA ALA B 64 -2.32 -2.62 -6.17
C ALA B 64 -2.67 -3.99 -5.58
N ARG B 65 -1.76 -4.94 -5.77
CA ARG B 65 -1.94 -6.31 -5.32
C ARG B 65 -1.99 -6.39 -3.80
N GLU B 66 -1.00 -5.80 -3.15
CA GLU B 66 -0.93 -5.79 -1.68
C GLU B 66 -2.15 -5.13 -1.07
N HIS B 67 -2.50 -3.95 -1.59
CA HIS B 67 -3.67 -3.22 -1.14
C HIS B 67 -4.92 -4.09 -1.25
N LEU B 68 -5.10 -4.68 -2.43
CA LEU B 68 -6.23 -5.59 -2.65
C LEU B 68 -6.24 -6.73 -1.63
N THR B 69 -5.12 -7.44 -1.51
CA THR B 69 -4.98 -8.55 -0.57
C THR B 69 -5.40 -8.14 0.83
N HIS B 70 -4.81 -7.06 1.32
CA HIS B 70 -5.11 -6.55 2.65
C HIS B 70 -6.61 -6.30 2.78
N ARG B 71 -7.15 -5.54 1.84
CA ARG B 71 -8.59 -5.19 1.85
C ARG B 71 -9.48 -6.43 1.93
N LEU B 72 -9.21 -7.41 1.08
CA LEU B 72 -9.98 -8.64 1.07
C LEU B 72 -9.88 -9.39 2.39
N GLN B 73 -8.66 -9.59 2.86
CA GLN B 73 -8.43 -10.28 4.13
C GLN B 73 -9.19 -9.61 5.26
N VAL B 74 -9.06 -8.29 5.38
CA VAL B 74 -9.82 -7.53 6.38
C VAL B 74 -11.31 -7.82 6.28
N LYS B 75 -11.88 -7.51 5.11
CA LYS B 75 -13.31 -7.66 4.86
C LYS B 75 -13.83 -9.02 5.30
N TYR B 76 -13.27 -10.07 4.69
CA TYR B 76 -13.81 -11.41 4.87
C TYR B 76 -13.41 -12.02 6.22
N PHE B 77 -12.27 -11.62 6.76
CA PHE B 77 -11.91 -12.07 8.11
C PHE B 77 -12.94 -11.56 9.10
N TYR B 78 -13.18 -10.24 9.10
CA TYR B 78 -14.10 -9.68 10.08
C TYR B 78 -15.51 -10.20 9.86
N ARG B 79 -15.92 -10.33 8.60
CA ARG B 79 -17.20 -10.97 8.31
C ARG B 79 -17.29 -12.37 8.93
N TRP B 80 -16.27 -13.17 8.67
CA TRP B 80 -16.19 -14.53 9.21
C TRP B 80 -16.28 -14.54 10.74
N ARG B 81 -15.43 -13.75 11.37
CA ARG B 81 -15.42 -13.65 12.83
C ARG B 81 -16.78 -13.19 13.36
N GLU B 82 -17.44 -12.30 12.62
CA GLU B 82 -18.79 -11.89 12.97
C GLU B 82 -19.74 -13.09 12.97
N LYS B 83 -19.74 -13.86 11.89
CA LYS B 83 -20.55 -15.10 11.86
C LYS B 83 -20.24 -16.02 13.05
N ALA B 84 -18.95 -16.22 13.29
CA ALA B 84 -18.50 -17.07 14.40
C ALA B 84 -19.05 -16.57 15.73
N ARG B 85 -18.86 -15.28 16.00
CA ARG B 85 -19.35 -14.65 17.21
C ARG B 85 -20.86 -14.79 17.33
N ALA B 86 -21.56 -14.65 16.22
CA ALA B 86 -23.01 -14.83 16.21
C ALA B 86 -23.41 -16.26 16.63
N LEU B 87 -22.78 -17.25 16.01
CA LEU B 87 -23.10 -18.65 16.34
C LEU B 87 -22.67 -19.07 17.75
N ALA B 88 -21.54 -18.55 18.20
CA ALA B 88 -21.01 -18.86 19.53
C ALA B 88 -22.01 -18.57 20.66
N THR B 89 -23.04 -17.79 20.36
CA THR B 89 -24.08 -17.40 21.33
C THR B 89 -23.49 -16.46 22.36
N PRO C 26 3.75 -42.93 -69.99
CA PRO C 26 2.46 -43.44 -69.51
C PRO C 26 1.47 -42.32 -69.19
N ALA C 27 1.78 -41.09 -69.61
CA ALA C 27 0.89 -39.96 -69.37
C ALA C 27 0.90 -39.01 -70.57
N ALA C 28 -0.30 -38.65 -71.03
CA ALA C 28 -0.48 -37.75 -72.15
C ALA C 28 -1.04 -36.42 -71.69
N ALA C 29 -0.38 -35.33 -72.10
CA ALA C 29 -0.76 -33.99 -71.66
C ALA C 29 -2.14 -33.60 -72.16
N ALA C 30 -2.41 -33.86 -73.44
CA ALA C 30 -3.70 -33.52 -74.07
C ALA C 30 -3.99 -32.02 -73.98
N ASN C 31 -3.04 -31.23 -74.49
CA ASN C 31 -3.11 -29.77 -74.47
C ASN C 31 -3.10 -29.16 -73.07
N TYR C 32 -2.88 -29.99 -72.06
CA TYR C 32 -2.28 -29.61 -70.77
C TYR C 32 -3.03 -28.53 -69.97
N THR C 33 -4.20 -28.09 -70.46
CA THR C 33 -5.04 -27.13 -69.74
C THR C 33 -4.26 -25.88 -69.32
N PRO C 34 -3.81 -25.09 -70.31
CA PRO C 34 -2.76 -24.07 -70.20
C PRO C 34 -2.93 -23.03 -69.10
N ALA C 35 -4.09 -22.36 -69.05
CA ALA C 35 -4.27 -21.22 -68.16
C ALA C 35 -3.98 -21.56 -66.70
N THR C 36 -3.20 -20.70 -66.06
CA THR C 36 -2.81 -20.89 -64.66
C THR C 36 -4.06 -21.04 -63.79
N LEU C 37 -5.13 -20.35 -64.19
CA LEU C 37 -6.39 -20.36 -63.46
C LEU C 37 -7.29 -21.53 -63.87
N ASP C 38 -6.81 -22.36 -64.80
CA ASP C 38 -7.66 -23.41 -65.30
C ASP C 38 -8.00 -24.41 -64.20
N GLN C 39 -9.28 -24.75 -64.11
CA GLN C 39 -9.78 -25.55 -63.01
C GLN C 39 -10.03 -26.98 -63.49
N ASP C 40 -8.98 -27.81 -63.44
CA ASP C 40 -9.09 -29.20 -63.87
C ASP C 40 -8.59 -30.09 -62.74
N LEU C 41 -9.44 -30.99 -62.28
CA LEU C 41 -9.13 -31.86 -61.15
C LEU C 41 -9.01 -33.31 -61.57
N ARG C 42 -9.54 -33.64 -62.75
CA ARG C 42 -9.45 -34.98 -63.28
C ARG C 42 -7.99 -35.31 -63.59
N SER C 43 -7.38 -34.43 -64.40
CA SER C 43 -5.98 -34.56 -64.77
C SER C 43 -5.07 -34.40 -63.56
N GLN C 44 -5.42 -33.45 -62.71
CA GLN C 44 -4.62 -33.15 -61.53
C GLN C 44 -4.61 -34.34 -60.57
N ILE C 45 -5.78 -34.89 -60.27
CA ILE C 45 -5.85 -36.01 -59.35
C ILE C 45 -5.22 -37.25 -60.00
N ASN C 46 -5.40 -37.42 -61.31
CA ASN C 46 -4.74 -38.51 -62.01
C ASN C 46 -3.21 -38.43 -61.87
N SER C 47 -2.64 -37.31 -62.31
CA SER C 47 -1.19 -37.11 -62.25
C SER C 47 -0.65 -37.18 -60.83
N LEU C 48 -1.34 -36.51 -59.91
CA LEU C 48 -0.95 -36.53 -58.50
C LEU C 48 -0.99 -37.95 -57.94
N LEU C 49 -2.06 -38.69 -58.27
CA LEU C 49 -2.21 -40.06 -57.80
C LEU C 49 -1.07 -40.94 -58.31
N ILE C 50 -0.81 -40.89 -59.62
CA ILE C 50 0.28 -41.69 -60.18
C ILE C 50 1.62 -41.24 -59.58
N LYS C 51 1.76 -39.93 -59.37
CA LYS C 51 3.01 -39.37 -58.86
C LYS C 51 3.25 -39.77 -57.41
N GLU C 52 2.17 -39.91 -56.64
CA GLU C 52 2.27 -40.31 -55.24
C GLU C 52 3.01 -41.65 -55.10
N GLY C 53 2.72 -42.59 -55.99
CA GLY C 53 3.52 -43.80 -56.09
C GLY C 53 4.91 -43.39 -56.55
N HIS C 54 5.94 -43.89 -55.87
CA HIS C 54 7.29 -43.36 -56.03
C HIS C 54 7.25 -41.88 -55.69
N VAL C 55 6.77 -41.59 -54.48
CA VAL C 55 6.38 -40.24 -54.07
C VAL C 55 7.45 -39.20 -54.39
N ALA C 56 7.00 -38.06 -54.91
CA ALA C 56 7.90 -36.96 -55.23
C ALA C 56 7.58 -35.74 -54.37
N LYS C 57 6.35 -35.68 -53.86
CA LYS C 57 5.89 -34.59 -53.01
C LYS C 57 6.93 -34.23 -51.94
N ILE C 58 7.49 -35.27 -51.32
CA ILE C 58 8.45 -35.07 -50.24
C ILE C 58 9.76 -34.47 -50.75
N GLN C 59 10.19 -34.89 -51.94
CA GLN C 59 11.41 -34.36 -52.54
C GLN C 59 11.25 -32.86 -52.83
N GLU C 60 10.10 -32.51 -53.40
CA GLU C 60 9.81 -31.12 -53.70
C GLU C 60 9.83 -30.33 -52.40
N HIS C 61 9.05 -30.81 -51.42
CA HIS C 61 9.01 -30.16 -50.11
C HIS C 61 10.40 -29.92 -49.52
N LEU C 62 11.21 -30.98 -49.50
CA LEU C 62 12.58 -30.88 -48.98
C LEU C 62 13.36 -29.81 -49.72
N LEU C 63 13.52 -30.02 -51.02
CA LEU C 63 14.31 -29.13 -51.85
C LEU C 63 13.85 -27.69 -51.67
N HIS C 64 12.53 -27.53 -51.56
CA HIS C 64 11.94 -26.20 -51.44
C HIS C 64 12.25 -25.54 -50.10
N HIS C 65 12.03 -26.22 -48.98
CA HIS C 65 12.43 -25.64 -47.69
C HIS C 65 13.90 -25.25 -47.71
N LEU C 66 14.73 -26.21 -48.10
CA LEU C 66 16.17 -25.97 -48.13
C LEU C 66 16.48 -24.77 -49.04
N HIS C 67 15.74 -24.63 -50.13
CA HIS C 67 15.85 -23.43 -50.97
C HIS C 67 14.96 -22.27 -50.52
N ALA C 68 14.07 -22.50 -49.57
CA ALA C 68 13.16 -21.45 -49.10
C ALA C 68 13.82 -20.60 -48.03
N HIS C 69 14.60 -21.23 -47.16
CA HIS C 69 15.25 -20.47 -46.07
C HIS C 69 16.32 -19.46 -46.50
N PRO C 70 17.09 -19.74 -47.58
CA PRO C 70 18.10 -18.78 -48.04
C PRO C 70 17.59 -17.38 -48.39
N SER C 71 16.38 -17.26 -48.93
CA SER C 71 15.83 -15.96 -49.36
C SER C 71 15.41 -15.05 -48.19
N ASN C 72 15.30 -15.61 -46.99
CA ASN C 72 15.00 -14.84 -45.76
C ASN C 72 13.51 -14.52 -45.56
N TRP C 73 12.65 -15.32 -46.17
CA TRP C 73 11.19 -15.16 -46.07
C TRP C 73 10.57 -15.53 -44.71
N PRO C 74 11.02 -16.66 -44.12
CA PRO C 74 10.42 -17.13 -42.86
C PRO C 74 10.48 -16.10 -41.75
N THR C 75 11.53 -15.28 -41.72
CA THR C 75 11.66 -14.26 -40.70
C THR C 75 10.60 -13.17 -40.88
N VAL C 76 10.32 -12.84 -42.14
CA VAL C 76 9.27 -11.87 -42.45
C VAL C 76 7.95 -12.42 -41.94
N VAL C 77 7.66 -13.65 -42.34
CA VAL C 77 6.42 -14.31 -41.91
C VAL C 77 6.32 -14.36 -40.38
N GLN C 78 7.38 -14.80 -39.73
CA GLN C 78 7.38 -14.94 -38.27
C GLN C 78 7.16 -13.58 -37.61
N ASN C 79 7.86 -12.54 -38.08
CA ASN C 79 7.68 -11.22 -37.49
C ASN C 79 6.24 -10.73 -37.65
N HIS C 80 5.65 -10.95 -38.82
CA HIS C 80 4.24 -10.59 -38.99
C HIS C 80 3.34 -11.35 -38.02
N ALA C 81 3.47 -12.67 -38.01
CA ALA C 81 2.69 -13.51 -37.11
C ALA C 81 2.86 -13.06 -35.66
N LEU C 82 4.11 -12.73 -35.31
CA LEU C 82 4.43 -12.26 -33.98
C LEU C 82 3.64 -11.00 -33.70
N SER C 83 3.75 -10.00 -34.58
CA SER C 83 2.99 -8.77 -34.42
C SER C 83 1.51 -9.07 -34.20
N LEU C 84 0.96 -9.96 -35.02
CA LEU C 84 -0.44 -10.37 -34.87
C LEU C 84 -0.72 -10.94 -33.48
N LEU C 85 0.17 -11.77 -32.98
CA LEU C 85 0.01 -12.33 -31.64
C LEU C 85 0.23 -11.27 -30.55
N ARG C 86 1.13 -10.33 -30.81
CA ARG C 86 1.52 -9.34 -29.82
C ARG C 86 0.39 -8.34 -29.62
N SER C 87 -0.22 -7.92 -30.72
CA SER C 87 -1.36 -7.01 -30.67
C SER C 87 -2.53 -7.65 -29.90
N GLY C 88 -2.65 -8.97 -30.00
CA GLY C 88 -3.72 -9.70 -29.35
C GLY C 88 -4.91 -9.88 -30.28
N GLU C 89 -4.73 -9.50 -31.54
CA GLU C 89 -5.78 -9.63 -32.54
C GLU C 89 -6.19 -11.08 -32.74
N VAL C 90 -5.20 -11.96 -32.74
CA VAL C 90 -5.43 -13.39 -32.86
C VAL C 90 -4.94 -14.07 -31.58
N THR C 91 -5.72 -15.02 -31.09
CA THR C 91 -5.46 -15.64 -29.79
C THR C 91 -5.51 -17.16 -29.83
N SER C 92 -5.49 -17.73 -31.03
CA SER C 92 -5.44 -19.18 -31.20
C SER C 92 -4.64 -19.52 -32.45
N PHE C 93 -3.97 -20.68 -32.42
CA PHE C 93 -3.10 -21.08 -33.52
C PHE C 93 -3.84 -21.23 -34.85
N PRO C 94 -5.00 -21.90 -34.85
CA PRO C 94 -5.72 -22.04 -36.13
C PRO C 94 -6.09 -20.69 -36.73
N ALA C 95 -6.49 -19.76 -35.88
CA ALA C 95 -6.85 -18.41 -36.32
C ALA C 95 -5.60 -17.71 -36.86
N LEU C 96 -4.47 -17.96 -36.21
CA LEU C 96 -3.20 -17.40 -36.65
C LEU C 96 -2.87 -17.96 -38.03
N LEU C 97 -3.08 -19.26 -38.21
CA LEU C 97 -2.80 -19.91 -39.48
C LEU C 97 -3.69 -19.30 -40.56
N ARG C 98 -4.99 -19.27 -40.32
CA ARG C 98 -5.94 -18.70 -41.28
C ARG C 98 -5.60 -17.26 -41.64
N ARG C 99 -5.31 -16.47 -40.61
CA ARG C 99 -4.97 -15.06 -40.79
C ARG C 99 -3.73 -14.93 -41.69
N VAL C 100 -2.65 -15.61 -41.32
CA VAL C 100 -1.40 -15.52 -42.06
C VAL C 100 -1.49 -16.11 -43.47
N VAL C 101 -2.13 -17.27 -43.64
CA VAL C 101 -2.30 -17.86 -44.97
C VAL C 101 -3.12 -16.89 -45.82
N GLU C 102 -4.14 -16.28 -45.23
CA GLU C 102 -4.91 -15.26 -45.93
C GLU C 102 -3.98 -14.11 -46.36
N ASP C 103 -3.17 -13.63 -45.42
CA ASP C 103 -2.23 -12.54 -45.71
C ASP C 103 -1.23 -12.84 -46.83
N VAL C 104 -0.55 -13.99 -46.75
CA VAL C 104 0.45 -14.35 -47.76
C VAL C 104 -0.21 -14.53 -49.12
N ARG C 105 -1.45 -15.00 -49.12
CA ARG C 105 -2.21 -15.26 -50.34
C ARG C 105 -2.23 -14.05 -51.25
N GLN C 106 -2.17 -12.87 -50.65
CA GLN C 106 -2.17 -11.62 -51.40
C GLN C 106 -0.82 -11.42 -52.09
N ASP C 107 -0.45 -12.38 -52.94
CA ASP C 107 0.75 -12.30 -53.78
C ASP C 107 0.62 -11.19 -54.79
N THR C 108 -0.59 -11.05 -55.34
CA THR C 108 -0.89 -10.09 -56.40
C THR C 108 -0.69 -8.64 -55.97
N ALA C 109 -1.08 -8.32 -54.74
CA ALA C 109 -0.88 -6.99 -54.18
C ALA C 109 0.60 -6.59 -54.22
N PRO C 149 6.83 -4.70 -46.78
CA PRO C 149 7.44 -6.03 -46.90
C PRO C 149 6.42 -7.10 -47.26
N SER C 150 6.57 -7.67 -48.45
CA SER C 150 5.60 -8.64 -48.98
C SER C 150 5.87 -10.04 -48.46
N LEU C 151 4.80 -10.74 -48.13
CA LEU C 151 4.89 -12.10 -47.61
C LEU C 151 4.87 -13.11 -48.74
N ALA C 152 4.92 -12.62 -49.98
CA ALA C 152 4.93 -13.49 -51.14
C ALA C 152 6.19 -14.34 -51.16
N VAL C 153 6.02 -15.62 -51.49
CA VAL C 153 7.14 -16.54 -51.60
C VAL C 153 8.01 -16.11 -52.80
N PRO C 154 9.34 -15.98 -52.60
CA PRO C 154 10.22 -15.50 -53.67
C PRO C 154 10.06 -16.30 -54.96
N GLN C 155 10.29 -15.65 -56.10
CA GLN C 155 10.08 -16.28 -57.39
C GLN C 155 11.12 -17.37 -57.63
N SER C 156 12.25 -17.25 -56.94
CA SER C 156 13.34 -18.21 -57.07
C SER C 156 12.85 -19.64 -56.82
N VAL C 157 12.26 -19.86 -55.65
CA VAL C 157 11.81 -21.20 -55.28
C VAL C 157 10.67 -21.66 -56.19
N VAL C 158 9.94 -20.70 -56.76
CA VAL C 158 8.90 -21.03 -57.73
C VAL C 158 9.57 -21.61 -58.97
N GLU C 159 10.57 -20.91 -59.49
CA GLU C 159 11.36 -21.43 -60.60
C GLU C 159 11.98 -22.78 -60.25
N GLU C 160 12.47 -22.93 -59.02
CA GLU C 160 12.99 -24.21 -58.56
C GLU C 160 11.91 -25.29 -58.60
N ALA C 161 10.70 -24.95 -58.13
CA ALA C 161 9.56 -25.85 -58.19
C ALA C 161 9.31 -26.27 -59.61
N LEU C 162 9.29 -25.28 -60.50
CA LEU C 162 9.13 -25.52 -61.91
C LEU C 162 10.19 -26.52 -62.40
N LYS C 163 11.46 -26.24 -62.13
CA LYS C 163 12.53 -27.14 -62.56
C LYS C 163 12.37 -28.56 -62.02
N VAL C 164 12.34 -28.71 -60.71
CA VAL C 164 12.33 -30.05 -60.10
C VAL C 164 11.04 -30.80 -60.43
N THR C 165 9.90 -30.12 -60.37
CA THR C 165 8.63 -30.75 -60.70
C THR C 165 8.63 -31.16 -62.17
N ARG C 166 9.14 -30.28 -63.03
CA ARG C 166 9.27 -30.60 -64.44
C ARG C 166 10.11 -31.86 -64.60
N GLU C 167 11.25 -31.88 -63.93
CA GLU C 167 12.16 -33.02 -64.00
C GLU C 167 11.49 -34.31 -63.55
N CYS C 168 10.80 -34.26 -62.41
CA CYS C 168 10.15 -35.44 -61.86
C CYS C 168 8.84 -35.75 -62.59
N LEU C 169 8.31 -34.78 -63.30
CA LEU C 169 7.09 -34.96 -64.09
C LEU C 169 7.45 -35.38 -65.52
N ASP C 170 8.69 -35.13 -65.91
CA ASP C 170 9.20 -35.56 -67.22
C ASP C 170 9.29 -37.08 -67.28
N GLN C 171 9.72 -37.69 -66.17
CA GLN C 171 9.92 -39.13 -66.11
C GLN C 171 8.63 -39.90 -66.40
N LEU C 172 7.50 -39.31 -66.04
CA LEU C 172 6.20 -39.94 -66.26
C LEU C 172 5.59 -39.49 -67.58
N ARG D 5 -10.36 23.98 33.81
CA ARG D 5 -11.60 23.62 33.13
C ARG D 5 -11.40 23.71 31.62
N GLN D 6 -12.05 22.80 30.89
CA GLN D 6 -11.93 22.76 29.44
C GLN D 6 -13.19 22.20 28.78
N ILE D 7 -13.68 22.89 27.75
CA ILE D 7 -14.77 22.36 26.94
C ILE D 7 -14.30 21.08 26.26
N GLN D 8 -15.22 20.15 26.05
CA GLN D 8 -14.86 18.78 25.74
C GLN D 8 -15.98 18.09 24.95
N TYR D 9 -15.60 17.17 24.08
CA TYR D 9 -16.51 16.39 23.21
C TYR D 9 -17.08 17.18 22.03
N THR D 10 -16.74 18.46 21.91
CA THR D 10 -17.31 19.31 20.86
C THR D 10 -16.94 18.87 19.44
N ILE D 11 -17.88 18.99 18.50
CA ILE D 11 -17.63 18.64 17.11
C ILE D 11 -16.79 19.71 16.41
N PRO D 12 -15.82 19.29 15.56
CA PRO D 12 -14.96 20.26 14.86
C PRO D 12 -15.62 20.87 13.62
N PRO D 13 -15.21 22.09 13.23
CA PRO D 13 -15.77 22.79 12.07
C PRO D 13 -15.36 22.19 10.73
N ARG D 14 -16.24 22.28 9.74
CA ARG D 14 -16.00 21.71 8.42
C ARG D 14 -15.54 22.78 7.44
N GLU D 15 -15.52 24.03 7.89
CA GLU D 15 -15.18 25.16 7.03
C GLU D 15 -13.84 24.94 6.34
N ASP D 16 -12.88 24.43 7.09
CA ASP D 16 -11.55 24.15 6.56
C ASP D 16 -11.50 22.84 5.77
N TYR D 17 -12.57 22.05 5.85
CA TYR D 17 -12.63 20.80 5.10
C TYR D 17 -13.33 20.98 3.76
N ASN D 18 -14.20 21.97 3.69
CA ASN D 18 -15.06 22.16 2.53
C ASN D 18 -14.36 22.69 1.28
N LYS D 19 -13.38 23.56 1.47
CA LYS D 19 -12.71 24.20 0.33
C LYS D 19 -11.67 23.27 -0.31
N LEU D 20 -11.56 22.05 0.21
CA LEU D 20 -10.62 21.07 -0.32
C LEU D 20 -11.04 20.60 -1.71
N SER D 21 -10.10 19.97 -2.42
CA SER D 21 -10.37 19.39 -3.71
C SER D 21 -10.83 17.95 -3.55
N ASP D 22 -11.32 17.36 -4.64
CA ASP D 22 -11.83 16.00 -4.61
C ASP D 22 -10.72 15.02 -4.26
N GLU D 23 -9.53 15.28 -4.81
CA GLU D 23 -8.36 14.45 -4.53
C GLU D 23 -8.10 14.35 -3.03
N GLN D 24 -8.01 15.50 -2.39
CA GLN D 24 -7.73 15.57 -0.96
C GLN D 24 -8.79 14.82 -0.15
N LYS D 25 -10.05 15.17 -0.37
CA LYS D 25 -11.15 14.53 0.35
C LYS D 25 -11.14 13.02 0.15
N THR D 26 -10.91 12.60 -1.09
CA THR D 26 -10.83 11.17 -1.41
C THR D 26 -9.63 10.52 -0.70
N ARG D 27 -8.50 11.21 -0.65
CA ARG D 27 -7.31 10.69 0.01
C ARG D 27 -7.53 10.57 1.52
N ILE D 28 -8.21 11.55 2.10
CA ILE D 28 -8.56 11.50 3.52
C ILE D 28 -9.47 10.30 3.77
N SER D 29 -10.56 10.21 3.01
CA SER D 29 -11.49 9.09 3.16
C SER D 29 -10.76 7.77 2.96
N GLU D 30 -9.82 7.73 2.02
CA GLU D 30 -9.00 6.54 1.78
C GLU D 30 -8.21 6.18 3.03
N ALA D 31 -7.47 7.15 3.58
CA ALA D 31 -6.70 6.93 4.80
C ALA D 31 -7.58 6.43 5.95
N PHE D 32 -8.67 7.14 6.19
CA PHE D 32 -9.63 6.76 7.23
C PHE D 32 -10.06 5.32 7.03
N GLU D 33 -10.63 5.04 5.87
CA GLU D 33 -11.12 3.70 5.55
C GLU D 33 -10.02 2.65 5.66
N LEU D 34 -8.80 3.02 5.31
CA LEU D 34 -7.67 2.11 5.44
C LEU D 34 -7.45 1.75 6.91
N PHE D 35 -7.25 2.77 7.75
CA PHE D 35 -6.95 2.53 9.16
C PHE D 35 -8.20 2.24 9.99
N ASP D 36 -9.37 2.22 9.34
CA ASP D 36 -10.61 1.81 10.00
C ASP D 36 -10.81 0.31 9.75
N SER D 37 -9.94 -0.50 10.36
CA SER D 37 -9.96 -1.95 10.13
C SER D 37 -11.20 -2.61 10.75
N ASN D 38 -11.65 -2.12 11.90
CA ASN D 38 -12.83 -2.66 12.55
C ASN D 38 -14.10 -2.34 11.76
N LYS D 39 -14.00 -1.42 10.81
CA LYS D 39 -15.10 -1.09 9.89
C LYS D 39 -16.30 -0.44 10.60
N ASP D 40 -16.13 -0.10 11.87
CA ASP D 40 -17.23 0.45 12.66
C ASP D 40 -17.50 1.92 12.35
N GLY D 41 -16.71 2.50 11.45
CA GLY D 41 -16.82 3.90 11.10
C GLY D 41 -16.22 4.79 12.17
N LEU D 42 -15.44 4.18 13.07
CA LEU D 42 -14.81 4.89 14.18
C LEU D 42 -13.34 4.51 14.28
N LEU D 43 -12.51 5.46 14.73
CA LEU D 43 -11.09 5.21 14.92
C LEU D 43 -10.67 5.40 16.37
N SER D 44 -9.69 4.61 16.80
CA SER D 44 -9.08 4.81 18.10
C SER D 44 -8.13 6.00 18.05
N TYR D 45 -7.53 6.32 19.18
CA TYR D 45 -6.58 7.44 19.26
C TYR D 45 -5.38 7.22 18.35
N GLU D 46 -4.76 6.05 18.47
CA GLU D 46 -3.57 5.73 17.69
C GLU D 46 -3.91 5.55 16.21
N GLU D 47 -5.08 4.95 15.94
CA GLU D 47 -5.55 4.80 14.57
C GLU D 47 -5.68 6.17 13.92
N PHE D 48 -6.21 7.13 14.67
CA PHE D 48 -6.35 8.50 14.19
C PHE D 48 -4.98 9.14 13.98
N ARG D 49 -4.08 8.95 14.95
CA ARG D 49 -2.71 9.41 14.80
C ARG D 49 -2.07 8.87 13.51
N PHE D 50 -2.23 7.58 13.27
CA PHE D 50 -1.74 6.98 12.03
C PHE D 50 -2.42 7.60 10.82
N VAL D 51 -3.73 7.79 10.92
CA VAL D 51 -4.47 8.43 9.84
C VAL D 51 -3.89 9.81 9.52
N LEU D 52 -3.51 10.56 10.55
CA LEU D 52 -2.84 11.84 10.34
C LEU D 52 -1.43 11.66 9.77
N ARG D 53 -0.70 10.66 10.26
CA ARG D 53 0.62 10.35 9.71
C ARG D 53 0.55 9.82 8.29
N ALA D 54 -0.61 9.29 7.91
CA ALA D 54 -0.81 8.80 6.55
C ALA D 54 -0.90 9.98 5.60
N LEU D 55 -1.42 11.10 6.09
CA LEU D 55 -1.48 12.34 5.32
C LEU D 55 -0.13 13.05 5.29
N GLY D 56 0.84 12.53 6.05
CA GLY D 56 2.17 13.09 6.08
C GLY D 56 2.42 14.03 7.25
N PHE D 57 1.51 14.02 8.23
CA PHE D 57 1.64 14.85 9.41
C PHE D 57 2.30 14.10 10.58
N ASP D 58 3.45 14.59 11.02
CA ASP D 58 4.11 14.06 12.19
C ASP D 58 3.93 15.03 13.35
N LEU D 59 2.69 15.12 13.83
CA LEU D 59 2.36 16.04 14.91
C LEU D 59 2.85 15.52 16.25
N PRO D 60 3.11 16.44 17.20
CA PRO D 60 3.48 16.00 18.56
C PRO D 60 2.26 15.48 19.32
N LYS D 61 2.49 14.63 20.31
CA LYS D 61 1.42 14.03 21.09
C LYS D 61 0.50 15.08 21.73
N GLN D 62 1.09 16.22 22.09
CA GLN D 62 0.36 17.28 22.75
C GLN D 62 -0.81 17.77 21.89
N GLN D 63 -0.54 17.98 20.61
CA GLN D 63 -1.52 18.54 19.68
C GLN D 63 -2.65 17.56 19.41
N THR D 64 -2.27 16.30 19.17
CA THR D 64 -3.26 15.26 18.95
C THR D 64 -4.06 14.99 20.22
N TYR D 65 -3.42 15.15 21.37
CA TYR D 65 -4.13 15.02 22.65
C TYR D 65 -5.15 16.15 22.81
N ASP D 66 -4.73 17.37 22.49
CA ASP D 66 -5.65 18.50 22.47
C ASP D 66 -6.84 18.20 21.55
N MET D 67 -6.55 17.73 20.34
CA MET D 67 -7.62 17.30 19.43
C MET D 67 -8.49 16.24 20.06
N LEU D 68 -7.86 15.29 20.76
CA LEU D 68 -8.57 14.19 21.39
C LEU D 68 -9.55 14.69 22.44
N VAL D 69 -9.07 15.53 23.37
CA VAL D 69 -9.94 16.03 24.42
C VAL D 69 -11.02 16.95 23.85
N ARG D 70 -10.64 17.84 22.94
CA ARG D 70 -11.60 18.79 22.39
C ARG D 70 -12.69 18.12 21.56
N HIS D 71 -12.29 17.20 20.68
CA HIS D 71 -13.23 16.65 19.70
C HIS D 71 -13.36 15.12 19.75
N GLY D 72 -13.04 14.53 20.88
CA GLY D 72 -13.16 13.09 21.05
C GLY D 72 -14.52 12.73 21.61
N GLN D 73 -15.17 11.75 20.99
CA GLN D 73 -16.49 11.30 21.42
C GLN D 73 -16.40 9.99 22.17
N ARG D 74 -17.21 9.86 23.21
CA ARG D 74 -17.26 8.63 24.00
C ARG D 74 -17.79 7.48 23.14
N PRO D 75 -17.29 6.25 23.37
CA PRO D 75 -17.84 5.12 22.62
C PRO D 75 -19.20 4.67 23.17
N ALA D 76 -19.95 3.92 22.36
CA ALA D 76 -21.30 3.50 22.72
C ALA D 76 -21.31 2.51 23.89
N ASN D 77 -20.38 1.57 23.88
CA ASN D 77 -20.31 0.54 24.91
C ASN D 77 -20.03 1.13 26.30
N TRP D 78 -19.55 2.36 26.33
CA TRP D 78 -19.19 3.00 27.60
C TRP D 78 -20.45 3.41 28.36
N PRO D 79 -20.51 3.12 29.68
CA PRO D 79 -21.68 3.54 30.44
C PRO D 79 -21.79 5.06 30.51
N HIS D 80 -22.96 5.58 30.13
CA HIS D 80 -23.18 7.02 30.02
C HIS D 80 -23.21 7.73 31.38
N ASP D 81 -23.37 6.96 32.46
CA ASP D 81 -23.47 7.56 33.79
C ASP D 81 -22.13 7.93 34.41
N GLN D 82 -21.05 7.35 33.90
CA GLN D 82 -19.69 7.64 34.40
C GLN D 82 -18.84 8.34 33.36
N GLU D 83 -17.84 9.07 33.83
CA GLU D 83 -16.90 9.76 32.94
C GLU D 83 -15.91 8.77 32.33
N CYS D 84 -15.59 8.98 31.07
CA CYS D 84 -14.62 8.16 30.34
C CYS D 84 -13.34 8.96 30.13
N PRO D 85 -12.17 8.33 30.29
CA PRO D 85 -10.94 9.10 30.07
C PRO D 85 -10.78 9.48 28.59
N PRO D 86 -10.05 10.58 28.31
CA PRO D 86 -9.84 11.05 26.93
C PRO D 86 -9.29 9.97 26.00
N VAL D 87 -8.34 9.18 26.49
CA VAL D 87 -7.67 8.18 25.66
C VAL D 87 -8.66 7.13 25.15
N TYR D 88 -9.72 6.90 25.89
CA TYR D 88 -10.70 5.88 25.54
C TYR D 88 -11.72 6.39 24.52
N ARG D 89 -11.65 7.68 24.18
CA ARG D 89 -12.57 8.26 23.20
C ARG D 89 -12.12 7.92 21.78
N GLN D 90 -13.05 8.03 20.83
CA GLN D 90 -12.79 7.66 19.45
C GLN D 90 -13.16 8.79 18.48
N PHE D 91 -12.83 8.60 17.20
CA PHE D 91 -13.09 9.59 16.16
C PHE D 91 -13.93 9.01 15.03
N ASN D 92 -15.08 9.61 14.76
CA ASN D 92 -15.86 9.26 13.59
C ASN D 92 -15.23 9.87 12.35
N LEU D 93 -15.78 9.56 11.19
CA LEU D 93 -15.25 10.05 9.92
C LEU D 93 -15.31 11.58 9.85
N ALA D 94 -16.39 12.16 10.37
CA ALA D 94 -16.59 13.60 10.34
C ALA D 94 -15.45 14.36 11.04
N THR D 95 -15.13 13.94 12.25
CA THR D 95 -14.07 14.58 13.04
C THR D 95 -12.72 14.48 12.32
N ALA D 96 -12.39 13.27 11.87
CA ALA D 96 -11.16 13.05 11.13
C ALA D 96 -11.10 13.97 9.92
N GLN D 97 -12.21 14.03 9.19
CA GLN D 97 -12.32 14.91 8.03
C GLN D 97 -12.04 16.36 8.39
N ALA D 98 -12.77 16.88 9.37
CA ALA D 98 -12.62 18.26 9.80
C ALA D 98 -11.19 18.58 10.21
N LEU D 99 -10.66 17.76 11.12
CA LEU D 99 -9.32 17.97 11.66
C LEU D 99 -8.26 17.89 10.57
N ALA D 100 -8.34 16.85 9.75
CA ALA D 100 -7.43 16.68 8.63
C ALA D 100 -7.53 17.89 7.70
N GLY D 101 -8.76 18.36 7.47
CA GLY D 101 -8.98 19.53 6.64
C GLY D 101 -8.26 20.75 7.15
N THR D 102 -8.47 21.06 8.44
CA THR D 102 -7.76 22.17 9.07
C THR D 102 -6.25 21.99 8.90
N LEU D 103 -5.76 20.80 9.24
CA LEU D 103 -4.34 20.49 9.13
C LEU D 103 -3.80 20.69 7.70
N ILE D 104 -4.55 20.25 6.71
CA ILE D 104 -4.14 20.37 5.31
C ILE D 104 -4.11 21.83 4.86
N ARG D 105 -5.18 22.56 5.17
CA ARG D 105 -5.29 23.96 4.76
C ARG D 105 -4.33 24.88 5.50
N GLN D 106 -3.98 24.53 6.74
CA GLN D 106 -3.01 25.34 7.49
C GLN D 106 -1.56 25.01 7.14
N ARG D 107 -1.33 23.82 6.58
CA ARG D 107 0.03 23.38 6.27
C ARG D 107 0.69 24.23 5.18
N ASP D 108 1.97 24.56 5.38
CA ASP D 108 2.74 25.31 4.41
C ASP D 108 3.24 24.39 3.30
N PRO D 109 3.25 24.88 2.05
CA PRO D 109 3.56 24.06 0.88
C PRO D 109 4.98 23.50 0.85
N ARG D 110 5.87 24.02 1.70
CA ARG D 110 7.26 23.63 1.68
C ARG D 110 7.50 22.25 2.32
N ASP D 111 6.65 21.88 3.28
CA ASP D 111 6.82 20.64 4.03
C ASP D 111 6.84 19.41 3.13
N GLU D 112 5.80 19.30 2.31
CA GLU D 112 5.66 18.18 1.40
C GLU D 112 6.85 18.12 0.44
N LEU D 113 7.38 19.29 0.08
CA LEU D 113 8.53 19.38 -0.81
C LEU D 113 9.81 18.91 -0.13
N ARG D 114 10.03 19.32 1.11
CA ARG D 114 11.19 18.85 1.88
C ARG D 114 11.12 17.32 2.03
N ARG D 115 9.95 16.83 2.42
CA ARG D 115 9.74 15.39 2.49
C ARG D 115 10.05 14.71 1.16
N ALA D 116 9.50 15.26 0.08
CA ALA D 116 9.76 14.74 -1.25
C ALA D 116 11.27 14.71 -1.53
N PHE D 117 11.96 15.80 -1.19
CA PHE D 117 13.40 15.86 -1.37
C PHE D 117 14.08 14.71 -0.65
N ARG D 118 13.65 14.45 0.58
CA ARG D 118 14.18 13.29 1.30
C ARG D 118 13.78 11.97 0.63
N LEU D 119 12.60 11.90 0.02
CA LEU D 119 12.21 10.71 -0.72
C LEU D 119 13.07 10.47 -1.96
N PHE D 120 13.37 11.52 -2.72
CA PHE D 120 14.23 11.38 -3.88
C PHE D 120 15.65 11.03 -3.44
N ASP D 121 16.18 11.81 -2.52
CA ASP D 121 17.50 11.57 -1.95
C ASP D 121 17.42 10.80 -0.64
N VAL D 122 17.40 9.47 -0.74
CA VAL D 122 17.22 8.62 0.43
C VAL D 122 18.54 8.43 1.18
N ASP D 123 19.65 8.50 0.47
CA ASP D 123 20.97 8.32 1.07
C ASP D 123 21.36 9.48 1.98
N GLY D 124 20.60 10.57 1.92
CA GLY D 124 20.88 11.73 2.75
C GLY D 124 22.13 12.46 2.33
N LYS D 125 22.47 12.36 1.04
CA LYS D 125 23.65 12.98 0.48
C LYS D 125 23.59 14.50 0.54
N GLY D 126 22.37 15.04 0.51
CA GLY D 126 22.15 16.47 0.52
C GLY D 126 21.74 17.02 -0.84
N MET D 127 21.77 16.18 -1.86
CA MET D 127 21.37 16.58 -3.21
C MET D 127 20.80 15.41 -4.00
N ILE D 128 19.99 15.73 -5.01
CA ILE D 128 19.39 14.73 -5.88
C ILE D 128 20.18 14.64 -7.19
N THR D 129 20.66 13.44 -7.51
CA THR D 129 21.46 13.22 -8.72
C THR D 129 20.67 12.50 -9.79
N GLU D 130 21.29 12.28 -10.95
CA GLU D 130 20.66 11.57 -12.05
C GLU D 130 20.28 10.15 -11.64
N ASP D 131 21.17 9.49 -10.90
CA ASP D 131 20.93 8.12 -10.45
C ASP D 131 19.64 8.03 -9.65
N ASP D 132 19.45 8.97 -8.73
CA ASP D 132 18.25 9.01 -7.91
C ASP D 132 17.00 9.14 -8.80
N LEU D 133 17.05 10.07 -9.75
CA LEU D 133 15.96 10.25 -10.70
C LEU D 133 15.69 8.96 -11.49
N ARG D 134 16.77 8.26 -11.81
CA ARG D 134 16.66 6.98 -12.51
C ARG D 134 15.97 5.93 -11.62
N LYS D 135 16.39 5.86 -10.35
CA LYS D 135 15.77 4.96 -9.39
C LYS D 135 14.28 5.27 -9.24
N VAL D 136 13.96 6.54 -9.07
CA VAL D 136 12.56 6.96 -9.00
C VAL D 136 11.82 6.57 -10.27
N CYS D 137 12.45 6.75 -11.42
CA CYS D 137 11.86 6.31 -12.68
C CYS D 137 11.56 4.82 -12.63
N GLN D 138 12.52 4.06 -12.11
CA GLN D 138 12.33 2.61 -11.94
C GLN D 138 11.20 2.30 -10.95
N GLN D 139 11.08 3.11 -9.90
CA GLN D 139 10.00 2.94 -8.93
C GLN D 139 8.63 3.20 -9.56
N VAL D 140 8.51 4.29 -10.30
CA VAL D 140 7.26 4.65 -10.95
C VAL D 140 6.87 3.63 -12.01
N GLY D 141 7.88 3.13 -12.73
CA GLY D 141 7.67 2.13 -13.77
C GLY D 141 7.91 2.68 -15.16
N ASN D 142 7.67 3.98 -15.34
CA ASN D 142 7.84 4.62 -16.63
C ASN D 142 9.30 4.88 -16.94
N ASN D 143 9.70 4.63 -18.19
CA ASN D 143 11.06 4.88 -18.65
C ASN D 143 11.16 6.21 -19.40
N ILE D 144 12.02 7.09 -18.91
CA ILE D 144 12.23 8.40 -19.51
C ILE D 144 13.66 8.47 -20.08
N PRO D 145 13.82 9.09 -21.26
CA PRO D 145 15.18 9.18 -21.83
C PRO D 145 16.15 9.95 -20.93
N ASP D 146 17.41 9.52 -20.93
CA ASP D 146 18.43 10.08 -20.04
C ASP D 146 18.71 11.56 -20.31
N ALA D 147 18.31 12.03 -21.51
CA ALA D 147 18.47 13.43 -21.85
C ALA D 147 17.57 14.29 -20.96
N ASP D 148 16.36 13.81 -20.74
CA ASP D 148 15.40 14.53 -19.91
C ASP D 148 15.89 14.63 -18.46
N ILE D 149 16.21 13.49 -17.85
CA ILE D 149 16.68 13.50 -16.46
C ILE D 149 18.00 14.26 -16.34
N GLN D 150 18.88 14.09 -17.33
CA GLN D 150 20.11 14.87 -17.39
C GLN D 150 19.77 16.36 -17.43
N ALA D 151 18.72 16.70 -18.18
CA ALA D 151 18.23 18.08 -18.23
C ALA D 151 17.52 18.45 -16.93
N MET D 152 16.93 17.47 -16.25
CA MET D 152 16.25 17.72 -14.99
C MET D 152 17.27 18.12 -13.95
N ILE D 153 18.44 17.51 -13.99
CA ILE D 153 19.53 17.89 -13.11
C ILE D 153 20.23 19.17 -13.59
N GLU D 154 20.73 19.16 -14.83
CA GLU D 154 21.57 20.23 -15.34
C GLU D 154 20.91 21.60 -15.39
N GLU D 155 19.62 21.63 -15.74
CA GLU D 155 18.91 22.90 -15.91
C GLU D 155 18.79 23.67 -14.60
N PHE D 156 18.81 22.95 -13.49
CA PHE D 156 18.57 23.54 -12.17
C PHE D 156 19.80 23.46 -11.25
N ASP D 157 20.86 22.82 -11.72
CA ASP D 157 22.12 22.79 -10.99
C ASP D 157 22.89 24.08 -11.26
N SER D 158 22.95 24.95 -10.27
CA SER D 158 23.60 26.25 -10.42
C SER D 158 25.03 26.26 -9.88
N ASN D 159 25.47 25.13 -9.33
CA ASN D 159 26.81 25.03 -8.75
C ASN D 159 27.73 24.16 -9.59
N GLY D 160 27.14 23.35 -10.47
CA GLY D 160 27.90 22.39 -11.23
C GLY D 160 28.45 21.31 -10.32
N LYS D 161 27.64 20.93 -9.34
CA LYS D 161 28.02 19.97 -8.32
C LYS D 161 27.61 18.55 -8.70
N GLY D 162 26.69 18.44 -9.66
CA GLY D 162 26.24 17.15 -10.16
C GLY D 162 24.93 16.70 -9.56
N GLY D 163 24.17 17.66 -9.03
CA GLY D 163 22.88 17.37 -8.44
C GLY D 163 22.13 18.63 -8.06
N VAL D 164 20.94 18.46 -7.50
CA VAL D 164 20.12 19.59 -7.05
C VAL D 164 19.92 19.49 -5.54
N ASP D 165 20.33 20.53 -4.82
CA ASP D 165 20.18 20.57 -3.37
C ASP D 165 18.75 20.94 -2.99
N GLU D 166 18.47 20.93 -1.69
CA GLU D 166 17.11 21.15 -1.20
C GLU D 166 16.57 22.52 -1.61
N ASP D 167 17.33 23.57 -1.35
CA ASP D 167 16.94 24.93 -1.69
C ASP D 167 16.47 25.03 -3.13
N GLU D 168 17.32 24.56 -4.04
CA GLU D 168 17.02 24.58 -5.46
C GLU D 168 15.78 23.76 -5.78
N PHE D 169 15.63 22.62 -5.12
CA PHE D 169 14.48 21.76 -5.32
C PHE D 169 13.19 22.49 -4.96
N LEU D 170 13.16 23.09 -3.77
CA LEU D 170 11.99 23.86 -3.38
C LEU D 170 11.76 25.03 -4.34
N ARG D 171 12.83 25.78 -4.63
CA ARG D 171 12.70 26.95 -5.47
C ARG D 171 12.11 26.57 -6.82
N LEU D 172 12.58 25.48 -7.41
CA LEU D 172 12.10 25.04 -8.72
C LEU D 172 10.70 24.45 -8.64
N MET D 173 10.41 23.71 -7.56
CA MET D 173 9.11 23.07 -7.43
C MET D 173 8.02 24.07 -7.04
N MET D 174 8.41 25.19 -6.45
CA MET D 174 7.48 26.26 -6.11
C MET D 174 7.37 27.32 -7.21
N SER D 175 8.31 27.31 -8.16
CA SER D 175 8.34 28.30 -9.23
C SER D 175 7.07 28.31 -10.07
N LYS D 176 6.64 29.51 -10.45
CA LYS D 176 5.47 29.68 -11.30
C LYS D 176 5.79 29.32 -12.75
N LEU E 9 6.81 19.52 75.76
CA LEU E 9 7.25 18.32 75.08
C LEU E 9 7.89 18.65 73.74
N MET E 10 9.00 17.97 73.43
CA MET E 10 9.70 18.19 72.17
C MET E 10 8.86 17.70 71.00
N ALA E 11 8.20 16.57 71.19
CA ALA E 11 7.41 15.90 70.15
C ALA E 11 6.45 16.85 69.45
N ASP E 12 5.84 17.76 70.19
CA ASP E 12 4.93 18.74 69.60
C ASP E 12 5.69 19.63 68.62
N PHE E 13 6.87 20.08 69.05
CA PHE E 13 7.73 20.90 68.20
C PHE E 13 8.19 20.12 66.98
N THR E 14 8.56 18.85 67.18
CA THR E 14 8.97 18.02 66.06
C THR E 14 7.82 17.91 65.08
N LYS E 15 6.62 17.69 65.62
CA LYS E 15 5.40 17.60 64.82
C LYS E 15 5.25 18.85 63.96
N TRP E 16 5.33 20.02 64.59
CA TRP E 16 5.30 21.27 63.82
C TRP E 16 6.39 21.29 62.75
N PHE E 17 7.60 20.89 63.13
CA PHE E 17 8.73 20.96 62.22
C PHE E 17 8.60 20.04 61.02
N VAL E 18 8.09 18.83 61.24
CA VAL E 18 8.02 17.83 60.17
C VAL E 18 6.73 17.94 59.36
N THR E 19 5.61 18.21 60.02
CA THR E 19 4.31 18.24 59.33
C THR E 19 3.89 19.68 59.06
N GLY E 20 4.80 20.62 59.29
CA GLY E 20 4.54 22.02 58.98
C GLY E 20 4.77 22.33 57.52
N ASP E 21 4.35 23.52 57.10
CA ASP E 21 4.60 23.96 55.73
C ASP E 21 6.08 24.28 55.59
N GLY E 22 6.71 23.70 54.57
CA GLY E 22 8.16 23.77 54.44
C GLY E 22 8.82 22.81 55.40
N GLY E 23 8.05 21.84 55.89
CA GLY E 23 8.57 20.84 56.81
C GLY E 23 9.51 19.89 56.09
N ILE E 24 10.13 18.99 56.84
CA ILE E 24 11.05 18.03 56.25
C ILE E 24 10.28 17.04 55.39
N MET E 25 9.05 16.73 55.81
CA MET E 25 8.20 15.80 55.08
C MET E 25 7.85 16.34 53.69
N GLU E 26 7.63 17.66 53.62
CA GLU E 26 7.29 18.30 52.37
C GLU E 26 8.47 18.27 51.39
N GLU E 27 9.60 18.80 51.84
CA GLU E 27 10.82 18.82 51.03
C GLU E 27 11.20 17.40 50.61
N PHE E 28 11.09 16.48 51.57
CA PHE E 28 11.37 15.08 51.30
C PHE E 28 10.48 14.56 50.16
N THR E 29 9.17 14.67 50.33
CA THR E 29 8.23 14.16 49.33
C THR E 29 8.51 14.79 47.97
N GLU E 30 8.77 16.10 47.96
CA GLU E 30 9.13 16.79 46.73
C GLU E 30 10.35 16.16 46.06
N GLU E 31 11.45 16.06 46.79
CA GLU E 31 12.69 15.49 46.25
C GLU E 31 12.51 14.06 45.74
N THR E 32 11.93 13.20 46.58
CA THR E 32 11.76 11.80 46.21
C THR E 32 10.89 11.73 44.95
N LEU E 33 9.87 12.57 44.88
CA LEU E 33 9.06 12.65 43.67
C LEU E 33 9.90 13.10 42.48
N ARG E 34 10.76 14.10 42.67
CA ARG E 34 11.65 14.56 41.61
C ARG E 34 12.43 13.40 41.00
N HIS E 35 13.18 12.70 41.86
CA HIS E 35 14.03 11.62 41.37
C HIS E 35 13.23 10.45 40.79
N LEU E 36 12.22 10.00 41.51
CA LEU E 36 11.40 8.88 41.06
C LEU E 36 10.76 9.18 39.70
N LEU E 37 10.21 10.40 39.59
CA LEU E 37 9.55 10.81 38.36
C LEU E 37 10.54 10.97 37.20
N TRP E 38 11.73 11.48 37.47
CA TRP E 38 12.76 11.54 36.43
C TRP E 38 13.08 10.13 35.91
N ASP E 39 13.30 9.20 36.83
CA ASP E 39 13.54 7.81 36.46
C ASP E 39 12.43 7.30 35.52
N VAL E 40 11.18 7.35 36.00
CA VAL E 40 10.09 6.83 35.18
C VAL E 40 9.93 7.62 33.87
N TRP E 41 10.30 8.89 33.89
CA TRP E 41 10.29 9.72 32.68
C TRP E 41 11.23 9.15 31.60
N GLN E 42 12.50 8.98 31.95
CA GLN E 42 13.45 8.38 31.01
C GLN E 42 12.97 6.99 30.56
N ARG E 43 12.52 6.21 31.54
CA ARG E 43 11.94 4.90 31.27
C ARG E 43 10.86 4.98 30.18
N HIS E 44 9.91 5.90 30.37
CA HIS E 44 8.84 6.10 29.41
C HIS E 44 9.37 6.47 28.03
N GLN E 45 10.34 7.38 27.99
CA GLN E 45 10.97 7.74 26.72
C GLN E 45 11.49 6.50 25.97
N ARG E 46 12.30 5.69 26.64
CA ARG E 46 12.81 4.45 26.01
C ARG E 46 11.67 3.53 25.54
N GLU E 47 10.71 3.31 26.44
CA GLU E 47 9.54 2.51 26.10
C GLU E 47 8.81 3.03 24.86
N GLU E 48 8.68 4.35 24.77
CA GLU E 48 8.02 4.97 23.62
C GLU E 48 8.83 4.75 22.35
N ALA E 49 10.14 4.92 22.44
CA ALA E 49 11.01 4.61 21.31
C ALA E 49 10.74 3.21 20.78
N GLU E 50 10.86 2.20 21.64
CA GLU E 50 10.65 0.83 21.20
C GLU E 50 9.22 0.54 20.72
N ARG E 51 8.22 1.01 21.47
CA ARG E 51 6.83 0.76 21.10
C ARG E 51 6.48 1.41 19.76
N LYS E 52 6.98 2.61 19.54
CA LYS E 52 6.75 3.29 18.27
C LYS E 52 7.45 2.50 17.16
N ARG E 53 8.71 2.13 17.40
CA ARG E 53 9.45 1.31 16.45
C ARG E 53 8.67 0.06 16.04
N LYS E 54 8.16 -0.69 17.03
CA LYS E 54 7.40 -1.89 16.72
C LYS E 54 6.08 -1.57 16.03
N ALA E 55 5.44 -0.47 16.44
CA ALA E 55 4.19 -0.05 15.81
C ALA E 55 4.37 0.35 14.34
N GLU E 56 5.51 0.94 14.02
CA GLU E 56 5.77 1.38 12.64
C GLU E 56 5.90 0.25 11.62
N GLU E 57 6.62 -0.81 11.96
CA GLU E 57 7.01 -1.81 10.96
C GLU E 57 5.85 -2.56 10.30
N GLU E 58 4.67 -2.53 10.92
CA GLU E 58 3.60 -3.43 10.50
C GLU E 58 2.74 -2.89 9.35
N GLU E 59 1.91 -3.79 8.80
CA GLU E 59 1.35 -3.65 7.46
C GLU E 59 0.58 -2.36 7.16
N SER E 60 -0.54 -2.14 7.85
CA SER E 60 -1.43 -1.02 7.53
C SER E 60 -0.67 0.30 7.31
N TRP E 61 0.18 0.64 8.28
CA TRP E 61 1.02 1.81 8.15
C TRP E 61 1.94 1.70 6.95
N ARG E 62 2.55 0.53 6.77
CA ARG E 62 3.43 0.29 5.63
C ARG E 62 2.72 0.51 4.30
N LEU E 63 1.45 0.10 4.22
CA LEU E 63 0.67 0.32 3.01
C LEU E 63 0.46 1.83 2.82
N ALA E 64 -0.03 2.49 3.86
CA ALA E 64 -0.23 3.95 3.80
C ALA E 64 1.06 4.68 3.38
N ARG E 65 2.17 4.26 3.96
CA ARG E 65 3.46 4.87 3.71
C ARG E 65 3.92 4.66 2.27
N GLU E 66 3.88 3.42 1.82
CA GLU E 66 4.25 3.09 0.44
C GLU E 66 3.39 3.89 -0.54
N HIS E 67 2.09 3.89 -0.30
CA HIS E 67 1.16 4.67 -1.12
C HIS E 67 1.58 6.14 -1.17
N LEU E 68 1.83 6.71 0.00
CA LEU E 68 2.27 8.10 0.10
C LEU E 68 3.55 8.35 -0.71
N THR E 69 4.56 7.53 -0.46
CA THR E 69 5.84 7.63 -1.16
C THR E 69 5.62 7.64 -2.67
N HIS E 70 4.91 6.62 -3.16
CA HIS E 70 4.63 6.51 -4.59
C HIS E 70 3.95 7.76 -5.15
N ARG E 71 2.85 8.15 -4.53
CA ARG E 71 2.09 9.31 -4.98
C ARG E 71 2.96 10.56 -5.06
N LEU E 72 3.74 10.80 -4.00
CA LEU E 72 4.63 11.96 -3.95
C LEU E 72 5.68 11.91 -5.07
N GLN E 73 6.38 10.79 -5.16
CA GLN E 73 7.42 10.61 -6.19
C GLN E 73 6.85 10.86 -7.59
N VAL E 74 5.73 10.22 -7.90
CA VAL E 74 5.07 10.43 -9.19
C VAL E 74 4.82 11.91 -9.43
N LYS E 75 4.05 12.51 -8.52
CA LYS E 75 3.63 13.90 -8.62
C LYS E 75 4.80 14.82 -8.91
N TYR E 76 5.77 14.83 -8.00
CA TYR E 76 6.85 15.81 -8.09
C TYR E 76 7.89 15.43 -9.14
N PHE E 77 8.05 14.15 -9.43
CA PHE E 77 8.94 13.77 -10.51
C PHE E 77 8.42 14.30 -11.83
N TYR E 78 7.17 13.99 -12.17
CA TYR E 78 6.64 14.42 -13.46
C TYR E 78 6.54 15.94 -13.53
N ARG E 79 6.13 16.56 -12.43
CA ARG E 79 6.13 18.02 -12.34
C ARG E 79 7.52 18.57 -12.64
N TRP E 80 8.54 18.00 -11.99
CA TRP E 80 9.93 18.39 -12.22
C TRP E 80 10.34 18.23 -13.69
N ARG E 81 10.11 17.05 -14.25
CA ARG E 81 10.45 16.78 -15.65
C ARG E 81 9.75 17.76 -16.58
N GLU E 82 8.51 18.12 -16.25
CA GLU E 82 7.80 19.15 -17.01
C GLU E 82 8.57 20.46 -16.95
N LYS E 83 8.95 20.90 -15.75
CA LYS E 83 9.78 22.12 -15.65
C LYS E 83 11.04 22.00 -16.53
N ALA E 84 11.73 20.86 -16.44
CA ALA E 84 12.95 20.63 -17.22
C ALA E 84 12.73 20.75 -18.73
N ARG E 85 11.79 19.96 -19.27
CA ARG E 85 11.52 20.03 -20.71
C ARG E 85 11.08 21.44 -21.11
N ALA E 86 10.30 22.08 -20.25
CA ALA E 86 9.90 23.46 -20.51
C ALA E 86 11.13 24.34 -20.66
N LEU E 87 12.09 24.22 -19.73
CA LEU E 87 13.30 25.01 -19.80
C LEU E 87 14.16 24.67 -21.03
N ALA E 88 14.24 23.39 -21.37
CA ALA E 88 14.98 22.97 -22.56
C ALA E 88 14.40 23.61 -23.83
N THR E 89 13.15 24.06 -23.72
CA THR E 89 12.42 24.71 -24.82
C THR E 89 12.15 23.69 -25.93
N PRO F 26 24.20 23.63 72.92
CA PRO F 26 22.87 23.47 72.33
C PRO F 26 22.18 24.81 72.07
N ALA F 27 20.97 24.75 71.53
CA ALA F 27 20.22 25.96 71.18
C ALA F 27 18.97 26.11 72.05
N ALA F 28 18.85 27.26 72.71
CA ALA F 28 17.65 27.57 73.47
C ALA F 28 16.50 27.90 72.52
N ALA F 29 15.36 27.26 72.73
CA ALA F 29 14.22 27.42 71.83
C ALA F 29 13.30 28.55 72.26
N ALA F 30 12.12 28.61 71.65
CA ALA F 30 11.20 29.73 71.84
C ALA F 30 9.75 29.26 72.03
N ASN F 31 9.56 28.13 72.71
CA ASN F 31 8.23 27.65 73.06
C ASN F 31 7.43 27.13 71.85
N TYR F 32 8.19 26.72 70.83
CA TYR F 32 7.80 25.72 69.81
C TYR F 32 6.66 25.99 68.82
N THR F 33 5.90 27.09 68.95
CA THR F 33 4.94 27.48 67.90
C THR F 33 4.15 26.25 67.39
N PRO F 34 3.34 25.63 68.26
CA PRO F 34 2.81 24.26 68.14
C PRO F 34 2.01 23.88 66.89
N ALA F 35 0.95 24.61 66.55
CA ALA F 35 0.04 24.19 65.48
C ALA F 35 0.80 23.95 64.18
N THR F 36 0.49 22.85 63.52
CA THR F 36 1.22 22.45 62.32
C THR F 36 1.29 23.53 61.23
N LEU F 37 0.23 24.34 61.11
CA LEU F 37 0.17 25.31 60.02
C LEU F 37 0.78 26.65 60.43
N ASP F 38 1.43 26.69 61.58
CA ASP F 38 1.95 27.94 62.14
C ASP F 38 2.93 28.65 61.20
N GLN F 39 3.10 29.95 61.43
CA GLN F 39 3.73 30.86 60.47
C GLN F 39 5.24 31.04 60.56
N ASP F 40 5.79 31.09 61.78
CA ASP F 40 7.23 31.32 61.97
C ASP F 40 8.11 30.46 61.06
N LEU F 41 8.94 31.12 60.25
CA LEU F 41 9.81 30.44 59.29
C LEU F 41 11.28 30.62 59.65
N ARG F 42 11.58 31.64 60.45
CA ARG F 42 12.95 31.89 60.89
C ARG F 42 13.46 30.77 61.78
N SER F 43 12.65 30.35 62.74
CA SER F 43 13.04 29.24 63.61
C SER F 43 13.23 27.97 62.79
N GLN F 44 12.38 27.79 61.78
CA GLN F 44 12.46 26.61 60.93
C GLN F 44 13.76 26.58 60.13
N ILE F 45 14.09 27.68 59.47
CA ILE F 45 15.31 27.76 58.67
C ILE F 45 16.55 27.75 59.57
N ASN F 46 16.43 28.37 60.74
CA ASN F 46 17.49 28.33 61.73
C ASN F 46 17.79 26.88 62.12
N SER F 47 16.73 26.17 62.53
CA SER F 47 16.86 24.77 62.91
C SER F 47 17.45 23.96 61.75
N LEU F 48 16.95 24.22 60.54
CA LEU F 48 17.49 23.56 59.35
C LEU F 48 18.99 23.87 59.21
N LEU F 49 19.35 25.13 59.42
CA LEU F 49 20.75 25.56 59.31
C LEU F 49 21.62 24.81 60.31
N ILE F 50 21.19 24.78 61.57
CA ILE F 50 21.93 24.04 62.60
C ILE F 50 21.96 22.56 62.29
N LYS F 51 20.86 22.04 61.76
CA LYS F 51 20.75 20.61 61.49
C LYS F 51 21.61 20.15 60.31
N GLU F 52 21.68 20.95 59.24
CA GLU F 52 22.47 20.60 58.07
C GLU F 52 23.96 20.52 58.42
N GLY F 53 24.43 21.49 59.20
CA GLY F 53 25.77 21.44 59.76
C GLY F 53 25.84 20.30 60.76
N HIS F 54 26.86 19.47 60.65
CA HIS F 54 26.92 18.21 61.40
C HIS F 54 25.65 17.43 61.02
N VAL F 55 25.49 17.21 59.72
CA VAL F 55 24.22 16.77 59.14
C VAL F 55 23.56 15.58 59.83
N ALA F 56 22.25 15.73 60.08
CA ALA F 56 21.43 14.67 60.64
C ALA F 56 20.29 14.35 59.65
N LYS F 57 19.98 15.32 58.80
CA LYS F 57 18.97 15.23 57.75
C LYS F 57 19.07 13.92 56.96
N ILE F 58 20.30 13.50 56.74
CA ILE F 58 20.61 12.35 55.93
C ILE F 58 20.05 11.06 56.57
N GLN F 59 20.07 11.01 57.89
CA GLN F 59 19.50 9.89 58.64
C GLN F 59 18.01 9.81 58.36
N GLU F 60 17.37 10.97 58.35
CA GLU F 60 15.94 11.07 58.07
C GLU F 60 15.70 10.48 56.70
N HIS F 61 16.44 11.00 55.72
CA HIS F 61 16.32 10.50 54.35
C HIS F 61 16.43 8.98 54.26
N LEU F 62 17.48 8.43 54.85
CA LEU F 62 17.67 6.98 54.84
C LEU F 62 16.46 6.26 55.47
N LEU F 63 16.18 6.57 56.73
CA LEU F 63 15.10 5.89 57.46
C LEU F 63 13.80 5.94 56.66
N HIS F 64 13.55 7.10 56.06
CA HIS F 64 12.32 7.31 55.30
C HIS F 64 12.27 6.47 54.03
N HIS F 65 13.33 6.52 53.23
CA HIS F 65 13.40 5.72 52.02
C HIS F 65 13.16 4.25 52.37
N LEU F 66 13.94 3.79 53.35
CA LEU F 66 13.88 2.42 53.81
C LEU F 66 12.48 2.04 54.27
N HIS F 67 11.82 2.97 54.97
CA HIS F 67 10.44 2.74 55.40
C HIS F 67 9.39 3.15 54.36
N ALA F 68 9.81 3.85 53.31
CA ALA F 68 8.86 4.31 52.29
C ALA F 68 8.63 3.23 51.24
N HIS F 69 9.69 2.50 50.88
CA HIS F 69 9.54 1.47 49.86
C HIS F 69 8.66 0.25 50.22
N PRO F 70 8.65 -0.17 51.50
CA PRO F 70 7.82 -1.31 51.93
C PRO F 70 6.30 -1.20 51.71
N SER F 71 5.70 -0.01 51.86
CA SER F 71 4.25 0.12 51.69
C SER F 71 3.84 0.01 50.22
N ASN F 72 4.83 0.09 49.32
CA ASN F 72 4.65 -0.11 47.88
C ASN F 72 4.10 1.14 47.18
N TRP F 73 4.38 2.30 47.78
CA TRP F 73 3.94 3.60 47.26
C TRP F 73 4.64 4.02 45.95
N PRO F 74 5.98 3.83 45.88
CA PRO F 74 6.73 4.29 44.70
C PRO F 74 6.24 3.68 43.38
N THR F 75 5.79 2.44 43.42
CA THR F 75 5.28 1.78 42.23
C THR F 75 3.99 2.43 41.77
N VAL F 76 3.14 2.79 42.73
CA VAL F 76 1.90 3.49 42.43
C VAL F 76 2.22 4.83 41.79
N VAL F 77 3.10 5.59 42.44
CA VAL F 77 3.52 6.89 41.90
C VAL F 77 4.03 6.74 40.47
N GLN F 78 4.94 5.78 40.28
CA GLN F 78 5.52 5.54 38.96
C GLN F 78 4.43 5.20 37.94
N ASN F 79 3.53 4.29 38.32
CA ASN F 79 2.45 3.90 37.42
C ASN F 79 1.56 5.08 37.03
N HIS F 80 1.22 5.92 38.00
CA HIS F 80 0.44 7.12 37.70
C HIS F 80 1.18 8.02 36.72
N ALA F 81 2.44 8.33 37.04
CA ALA F 81 3.26 9.13 36.15
C ALA F 81 3.29 8.52 34.76
N LEU F 82 3.39 7.19 34.72
CA LEU F 82 3.40 6.46 33.46
C LEU F 82 2.12 6.73 32.70
N SER F 83 0.97 6.48 33.32
CA SER F 83 -0.33 6.72 32.69
C SER F 83 -0.41 8.15 32.15
N LEU F 84 0.02 9.11 32.96
CA LEU F 84 0.04 10.51 32.54
C LEU F 84 0.90 10.70 31.29
N LEU F 85 2.06 10.07 31.27
CA LEU F 85 2.93 10.16 30.09
C LEU F 85 2.41 9.38 28.88
N ARG F 86 1.76 8.25 29.12
CA ARG F 86 1.31 7.39 28.03
C ARG F 86 0.13 8.05 27.33
N SER F 87 -0.79 8.61 28.10
CA SER F 87 -1.92 9.31 27.53
C SER F 87 -1.46 10.50 26.67
N GLY F 88 -0.34 11.11 27.07
CA GLY F 88 0.20 12.26 26.36
C GLY F 88 -0.29 13.56 26.96
N GLU F 89 -1.00 13.46 28.09
CA GLU F 89 -1.56 14.63 28.77
C GLU F 89 -0.44 15.58 29.21
N VAL F 90 0.65 15.01 29.69
CA VAL F 90 1.83 15.77 30.07
C VAL F 90 2.99 15.38 29.16
N THR F 91 3.77 16.37 28.73
CA THR F 91 4.79 16.16 27.72
C THR F 91 6.14 16.77 28.10
N SER F 92 6.29 17.13 29.37
CA SER F 92 7.56 17.64 29.87
C SER F 92 7.73 17.24 31.33
N PHE F 93 8.98 17.04 31.73
CA PHE F 93 9.26 16.57 33.08
C PHE F 93 8.76 17.54 34.16
N PRO F 94 9.01 18.85 33.99
CA PRO F 94 8.53 19.79 35.01
C PRO F 94 7.01 19.75 35.19
N ALA F 95 6.30 19.62 34.09
CA ALA F 95 4.84 19.54 34.12
C ALA F 95 4.40 18.26 34.83
N LEU F 96 5.14 17.19 34.58
CA LEU F 96 4.89 15.91 35.23
C LEU F 96 5.10 16.05 36.74
N LEU F 97 6.17 16.72 37.10
CA LEU F 97 6.48 16.94 38.51
C LEU F 97 5.38 17.76 39.18
N ARG F 98 5.03 18.90 38.60
CA ARG F 98 3.97 19.74 39.16
C ARG F 98 2.68 18.94 39.30
N ARG F 99 2.31 18.23 38.24
CA ARG F 99 1.10 17.41 38.25
C ARG F 99 1.08 16.39 39.38
N VAL F 100 2.13 15.57 39.45
CA VAL F 100 2.19 14.51 40.45
C VAL F 100 2.22 15.10 41.86
N VAL F 101 2.97 16.18 42.04
CA VAL F 101 3.02 16.85 43.34
C VAL F 101 1.64 17.32 43.77
N GLU F 102 0.90 17.94 42.86
CA GLU F 102 -0.47 18.35 43.16
C GLU F 102 -1.33 17.12 43.49
N ASP F 103 -1.21 16.08 42.67
CA ASP F 103 -1.99 14.88 42.88
C ASP F 103 -1.78 14.29 44.28
N VAL F 104 -0.52 14.11 44.69
CA VAL F 104 -0.27 13.58 46.03
C VAL F 104 -0.75 14.59 47.08
N ARG F 105 -0.60 15.89 46.78
CA ARG F 105 -1.09 16.94 47.68
C ARG F 105 -2.59 16.75 47.98
N GLN F 106 -3.37 16.51 46.93
CA GLN F 106 -4.82 16.34 47.10
C GLN F 106 -5.24 14.98 47.65
N ASP F 107 -4.58 13.91 47.23
CA ASP F 107 -4.88 12.60 47.79
C ASP F 107 -4.53 12.60 49.29
N THR F 108 -3.41 13.22 49.62
CA THR F 108 -2.99 13.33 51.01
C THR F 108 -4.02 14.18 51.76
N ALA F 109 -4.49 15.25 51.12
CA ALA F 109 -5.56 16.06 51.69
C ALA F 109 -6.81 15.23 51.99
N LEU F 110 -7.26 14.41 51.04
CA LEU F 110 -8.49 13.63 51.23
C LEU F 110 -8.37 12.43 52.18
N ALA F 111 -7.21 11.74 52.16
CA ALA F 111 -7.05 10.48 52.90
C ALA F 111 -7.60 10.48 54.34
N PRO F 112 -7.28 11.50 55.15
CA PRO F 112 -7.81 11.51 56.52
C PRO F 112 -9.35 11.47 56.58
N PRO F 149 -6.41 3.40 43.91
CA PRO F 149 -5.13 3.46 44.62
C PRO F 149 -4.70 4.89 44.90
N SER F 150 -4.67 5.27 46.18
CA SER F 150 -4.36 6.64 46.57
C SER F 150 -2.85 6.88 46.62
N LEU F 151 -2.43 8.02 46.10
CA LEU F 151 -1.01 8.37 46.04
C LEU F 151 -0.58 9.14 47.29
N ALA F 152 -1.47 9.24 48.26
CA ALA F 152 -1.15 9.89 49.52
C ALA F 152 -0.03 9.11 50.21
N VAL F 153 0.95 9.83 50.76
CA VAL F 153 2.04 9.17 51.47
C VAL F 153 1.48 8.51 52.73
N PRO F 154 1.72 7.21 52.91
CA PRO F 154 1.17 6.49 54.07
C PRO F 154 1.56 7.13 55.41
N GLN F 155 0.71 6.98 56.42
CA GLN F 155 0.95 7.62 57.72
C GLN F 155 2.12 7.02 58.49
N SER F 156 2.46 5.78 58.16
CA SER F 156 3.57 5.08 58.82
C SER F 156 4.84 5.91 58.75
N VAL F 157 5.26 6.27 57.54
CA VAL F 157 6.51 6.97 57.34
C VAL F 157 6.47 8.36 57.99
N VAL F 158 5.27 8.91 58.13
CA VAL F 158 5.10 10.18 58.82
C VAL F 158 5.44 9.99 60.29
N GLU F 159 4.82 8.98 60.91
CA GLU F 159 5.13 8.62 62.28
C GLU F 159 6.64 8.37 62.45
N GLU F 160 7.21 7.68 61.47
CA GLU F 160 8.65 7.42 61.44
C GLU F 160 9.41 8.74 61.47
N ALA F 161 8.95 9.68 60.63
CA ALA F 161 9.54 11.03 60.59
C ALA F 161 9.51 11.68 61.97
N LEU F 162 8.35 11.62 62.62
CA LEU F 162 8.21 12.15 63.97
C LEU F 162 9.28 11.57 64.88
N LYS F 163 9.37 10.25 64.93
CA LYS F 163 10.36 9.58 65.80
C LYS F 163 11.81 10.00 65.51
N VAL F 164 12.27 9.79 64.27
CA VAL F 164 13.68 10.05 63.95
C VAL F 164 14.01 11.55 64.12
N THR F 165 13.10 12.41 63.66
CA THR F 165 13.31 13.84 63.79
C THR F 165 13.35 14.20 65.27
N ARG F 166 12.49 13.56 66.06
CA ARG F 166 12.47 13.78 67.50
C ARG F 166 13.82 13.47 68.12
N GLU F 167 14.36 12.28 67.84
CA GLU F 167 15.67 11.94 68.43
C GLU F 167 16.75 12.94 68.00
N CYS F 168 16.81 13.26 66.71
CA CYS F 168 17.79 14.24 66.24
C CYS F 168 17.65 15.58 66.94
N LEU F 169 16.42 16.08 67.03
CA LEU F 169 16.16 17.36 67.69
C LEU F 169 16.48 17.29 69.19
N ASP F 170 16.23 16.13 69.80
CA ASP F 170 16.56 15.93 71.21
C ASP F 170 18.06 16.08 71.42
N GLN F 171 18.86 15.42 70.58
CA GLN F 171 20.31 15.59 70.67
C GLN F 171 20.72 17.03 70.39
N LEU F 172 20.16 17.63 69.34
CA LEU F 172 20.60 18.95 68.90
C LEU F 172 20.23 20.11 69.84
N CYS F 173 19.01 20.11 70.38
CA CYS F 173 18.50 21.29 71.07
C CYS F 173 17.74 21.00 72.36
N GLU F 174 17.43 22.08 73.09
CA GLU F 174 16.60 22.02 74.28
C GLU F 174 15.61 23.19 74.27
N ILE F 175 14.46 22.99 74.88
CA ILE F 175 13.38 23.99 74.85
C ILE F 175 13.16 24.62 76.23
N GLU F 176 13.41 25.92 76.32
CA GLU F 176 13.32 26.65 77.60
C GLU F 176 11.87 26.73 78.07
N GLU F 177 11.68 26.99 79.36
CA GLU F 177 10.34 27.07 79.95
C GLU F 177 10.10 28.45 80.57
N PRO F 178 8.98 29.11 80.21
CA PRO F 178 8.63 30.39 80.85
C PRO F 178 7.71 30.21 82.06
#